data_5WX8
#
_entry.id   5WX8
#
_cell.length_a   102.840
_cell.length_b   39.710
_cell.length_c   103.730
_cell.angle_alpha   90.00
_cell.angle_beta   110.80
_cell.angle_gamma   90.00
#
_symmetry.space_group_name_H-M   'P 1 21 1'
#
loop_
_entity.id
_entity.type
_entity.pdbx_description
1 polymer 'Immediate-early protein 2'
2 water water
#
_entity_poly.entity_id   1
_entity_poly.type   'polypeptide(L)'
_entity_poly.pdbx_seq_one_letter_code
;GPKQIPKKPCNEKNLKEAVYDICCNGLSNNAAII(MSE)YFTRSKKVAQIIKI(MSE)QKEL(MSE)IRPNITVSEAFK
(MSE)NHAPPKYYDKDEIKRFIQLQKQGPQELWDKFENNTTHDLFTRHSDVKT(MSE)IIYAATPIDFVGAVKTCNKYAK
DNPKEIVLRVCSIIDGDNPISIYNPISKEFKSKFSTLSKC
;
_entity_poly.pdbx_strand_id   A,B,C,D
#
# COMPACT_ATOMS: atom_id res chain seq x y z
N LYS A 13 -0.92 -26.55 19.73
CA LYS A 13 -0.93 -27.99 19.47
C LYS A 13 -0.19 -28.32 18.16
N ASN A 14 -0.43 -27.50 17.13
CA ASN A 14 0.29 -27.67 15.86
C ASN A 14 1.78 -27.54 16.03
N LEU A 15 2.24 -26.76 17.02
CA LEU A 15 3.68 -26.55 17.21
C LEU A 15 4.32 -27.80 17.79
N LYS A 16 3.63 -28.46 18.72
CA LYS A 16 4.15 -29.71 19.29
C LYS A 16 4.27 -30.79 18.24
N GLU A 17 3.23 -30.95 17.41
CA GLU A 17 3.30 -31.93 16.35
C GLU A 17 4.41 -31.59 15.36
N ALA A 18 4.56 -30.31 15.02
CA ALA A 18 5.58 -29.92 14.05
C ALA A 18 6.98 -30.18 14.58
N VAL A 19 7.24 -29.86 15.85
CA VAL A 19 8.53 -30.12 16.48
C VAL A 19 8.80 -31.62 16.58
N TYR A 20 7.77 -32.40 16.90
CA TYR A 20 7.88 -33.86 16.88
C TYR A 20 8.27 -34.38 15.49
N ASP A 21 7.61 -33.89 14.46
CA ASP A 21 7.95 -34.38 13.13
C ASP A 21 9.37 -34.03 12.75
N ILE A 22 9.82 -32.83 13.12
CA ILE A 22 11.19 -32.42 12.78
C ILE A 22 12.20 -33.37 13.43
N CYS A 23 11.98 -33.68 14.72
CA CYS A 23 12.89 -34.53 15.49
C CYS A 23 12.82 -36.00 15.13
N CYS A 24 11.71 -36.43 14.51
CA CYS A 24 11.42 -37.85 14.37
C CYS A 24 12.57 -38.64 13.76
N ASN A 25 13.22 -38.11 12.71
CA ASN A 25 14.32 -38.80 12.03
C ASN A 25 15.70 -38.63 12.71
N GLY A 26 15.76 -38.04 13.91
CA GLY A 26 17.02 -37.82 14.60
C GLY A 26 17.83 -36.64 14.10
N LEU A 27 17.38 -35.97 13.04
CA LEU A 27 18.08 -34.85 12.42
C LEU A 27 17.29 -33.55 12.55
N SER A 28 17.98 -32.50 12.98
CA SER A 28 17.43 -31.15 13.06
C SER A 28 18.33 -30.12 12.40
N ASN A 29 19.35 -30.56 11.68
CA ASN A 29 20.27 -29.67 10.98
C ASN A 29 19.64 -29.06 9.76
N ASN A 30 18.42 -29.46 9.42
CA ASN A 30 17.73 -28.81 8.32
C ASN A 30 16.45 -28.14 8.79
N ALA A 31 16.31 -27.91 10.09
CA ALA A 31 15.15 -27.19 10.61
C ALA A 31 15.51 -25.76 10.97
N ALA A 32 14.47 -24.97 11.24
CA ALA A 32 14.68 -23.63 11.78
C ALA A 32 13.50 -23.24 12.66
N ILE A 33 13.70 -22.16 13.40
CA ILE A 33 12.63 -21.46 14.10
C ILE A 33 12.55 -20.08 13.48
N ILE A 34 11.35 -19.63 13.13
CA ILE A 34 11.18 -18.25 12.69
C ILE A 34 10.23 -17.53 13.62
N MSE A 35 10.60 -16.32 14.01
CA MSE A 35 9.79 -15.48 14.85
C MSE A 35 9.66 -14.10 14.24
O MSE A 35 10.66 -13.48 13.85
CB MSE A 35 10.40 -15.39 16.24
CG MSE A 35 10.60 -16.74 16.88
SE MSE A 35 11.30 -16.48 18.64
CE MSE A 35 9.60 -16.10 19.50
N TYR A 36 8.43 -13.62 14.13
CA TYR A 36 8.18 -12.29 13.63
C TYR A 36 7.66 -11.42 14.77
N PHE A 37 8.20 -10.20 14.85
CA PHE A 37 7.95 -9.27 15.95
C PHE A 37 7.34 -7.99 15.38
N THR A 38 6.17 -7.61 15.89
CA THR A 38 5.57 -6.32 15.54
C THR A 38 6.37 -5.17 16.18
N ARG A 39 6.11 -3.96 15.73
CA ARG A 39 6.80 -2.82 16.31
C ARG A 39 6.26 -2.54 17.70
N SER A 40 7.17 -2.41 18.66
CA SER A 40 6.75 -2.19 20.03
C SER A 40 7.91 -1.66 20.85
N LYS A 41 7.56 -0.96 21.94
CA LYS A 41 8.53 -0.47 22.91
C LYS A 41 9.40 -1.60 23.45
N LYS A 42 8.78 -2.71 23.84
CA LYS A 42 9.53 -3.78 24.49
C LYS A 42 10.21 -4.72 23.51
N VAL A 43 9.96 -4.56 22.20
CA VAL A 43 10.28 -5.65 21.26
C VAL A 43 11.79 -5.88 21.20
N ALA A 44 12.57 -4.83 20.97
CA ALA A 44 14.01 -4.99 20.81
C ALA A 44 14.68 -5.55 22.06
N GLN A 45 14.13 -5.27 23.24
CA GLN A 45 14.70 -5.81 24.47
C GLN A 45 14.31 -7.28 24.66
N ILE A 46 13.09 -7.66 24.26
CA ILE A 46 12.74 -9.09 24.21
C ILE A 46 13.76 -9.84 23.37
N ILE A 47 14.07 -9.29 22.19
CA ILE A 47 15.03 -9.93 21.29
C ILE A 47 16.38 -10.05 21.97
N LYS A 48 16.82 -9.01 22.66
CA LYS A 48 18.10 -9.09 23.35
C LYS A 48 18.09 -10.21 24.41
N ILE A 49 17.04 -10.27 25.23
CA ILE A 49 17.11 -11.24 26.32
C ILE A 49 16.89 -12.66 25.81
N MSE A 50 16.10 -12.82 24.74
CA MSE A 50 15.91 -14.13 24.14
C MSE A 50 17.19 -14.70 23.56
O MSE A 50 17.51 -15.86 23.81
CB MSE A 50 14.89 -14.07 23.03
CG MSE A 50 13.49 -13.97 23.49
SE MSE A 50 12.41 -14.50 21.97
CE MSE A 50 12.92 -16.36 21.89
N GLN A 51 17.89 -13.87 22.78
CA GLN A 51 19.18 -14.25 22.21
C GLN A 51 20.12 -14.77 23.29
N LYS A 52 20.21 -14.03 24.41
CA LYS A 52 21.07 -14.42 25.52
C LYS A 52 20.60 -15.73 26.15
N GLU A 53 19.31 -15.82 26.51
CA GLU A 53 18.81 -17.03 27.15
C GLU A 53 18.95 -18.24 26.22
N LEU A 54 18.70 -18.03 24.93
CA LEU A 54 18.77 -19.12 23.96
C LEU A 54 20.17 -19.71 23.88
N MSE A 55 21.20 -18.88 23.99
CA MSE A 55 22.55 -19.32 23.70
C MSE A 55 23.40 -19.64 24.94
O MSE A 55 24.58 -19.93 24.81
CB MSE A 55 23.24 -18.28 22.80
CG MSE A 55 22.95 -18.60 21.32
SE MSE A 55 23.68 -17.40 19.95
CE MSE A 55 23.10 -15.70 20.68
N ILE A 56 22.80 -19.62 26.14
CA ILE A 56 23.43 -20.29 27.27
C ILE A 56 23.47 -21.80 27.09
N ARG A 57 22.70 -22.34 26.13
CA ARG A 57 22.70 -23.74 25.72
C ARG A 57 23.53 -23.91 24.45
N PRO A 58 24.32 -24.98 24.39
CA PRO A 58 25.15 -25.24 23.20
C PRO A 58 24.32 -25.63 21.99
N ASN A 59 25.01 -25.63 20.85
CA ASN A 59 24.49 -26.06 19.54
C ASN A 59 23.44 -25.14 18.96
N ILE A 60 23.18 -23.99 19.58
CA ILE A 60 22.14 -23.09 19.09
C ILE A 60 22.77 -21.98 18.28
N THR A 61 22.21 -21.73 17.11
CA THR A 61 22.47 -20.54 16.35
C THR A 61 21.28 -19.60 16.30
N VAL A 62 21.50 -18.31 16.65
CA VAL A 62 20.50 -17.27 16.56
C VAL A 62 21.00 -16.15 15.65
N SER A 63 20.11 -15.65 14.79
CA SER A 63 20.43 -14.54 13.94
C SER A 63 20.25 -13.24 14.71
N GLU A 64 20.81 -12.17 14.15
CA GLU A 64 20.40 -10.83 14.52
C GLU A 64 18.94 -10.63 14.12
N ALA A 65 18.25 -9.76 14.84
CA ALA A 65 16.98 -9.25 14.35
C ALA A 65 17.21 -8.51 13.05
N PHE A 66 16.33 -8.72 12.08
CA PHE A 66 16.54 -8.12 10.77
C PHE A 66 15.22 -7.59 10.21
N LYS A 67 15.37 -6.67 9.25
CA LYS A 67 14.27 -6.04 8.53
C LYS A 67 14.05 -6.69 7.18
N MSE A 68 12.92 -6.34 6.58
CA MSE A 68 12.59 -6.79 5.24
C MSE A 68 11.90 -5.67 4.43
O MSE A 68 11.34 -4.72 5.00
CB MSE A 68 11.72 -8.05 5.32
CG MSE A 68 10.29 -7.84 5.88
SE MSE A 68 9.32 -9.56 6.07
CE MSE A 68 10.51 -10.50 4.96
N ASN A 69 11.98 -5.76 3.10
CA ASN A 69 11.28 -4.88 2.20
C ASN A 69 10.37 -5.72 1.31
N HIS A 70 9.37 -5.08 0.73
CA HIS A 70 8.45 -5.83 -0.12
C HIS A 70 7.95 -4.95 -1.25
N ALA A 71 7.53 -5.60 -2.32
CA ALA A 71 6.97 -4.95 -3.51
C ALA A 71 5.48 -4.69 -3.37
N PRO A 72 4.85 -4.02 -4.33
CA PRO A 72 3.40 -3.88 -4.29
C PRO A 72 2.73 -5.23 -4.54
N PRO A 73 1.50 -5.40 -4.07
CA PRO A 73 0.77 -6.64 -4.36
C PRO A 73 0.40 -6.75 -5.84
N LYS A 74 -0.01 -7.95 -6.25
CA LYS A 74 -0.61 -8.14 -7.56
C LYS A 74 -1.49 -9.37 -7.54
N TYR A 75 -2.72 -9.25 -8.08
CA TYR A 75 -3.66 -10.35 -8.26
C TYR A 75 -3.45 -10.93 -9.66
N TYR A 76 -3.36 -12.25 -9.76
CA TYR A 76 -3.26 -12.93 -11.05
C TYR A 76 -4.65 -13.35 -11.51
N ASP A 77 -4.93 -13.17 -12.80
CA ASP A 77 -6.26 -13.46 -13.30
C ASP A 77 -6.39 -14.95 -13.66
N LYS A 78 -7.63 -15.37 -13.93
CA LYS A 78 -7.91 -16.79 -14.09
C LYS A 78 -7.06 -17.41 -15.20
N ASP A 79 -6.89 -16.70 -16.32
CA ASP A 79 -6.14 -17.28 -17.43
C ASP A 79 -4.68 -17.51 -17.04
N GLU A 80 -4.06 -16.53 -16.38
CA GLU A 80 -2.68 -16.70 -15.91
C GLU A 80 -2.57 -17.85 -14.92
N ILE A 81 -3.55 -17.99 -14.01
CA ILE A 81 -3.49 -19.08 -13.05
C ILE A 81 -3.64 -20.41 -13.77
N LYS A 82 -4.43 -20.46 -14.83
CA LYS A 82 -4.65 -21.70 -15.56
C LYS A 82 -3.39 -22.16 -16.28
N ARG A 83 -2.67 -21.24 -16.91
CA ARG A 83 -1.50 -21.64 -17.69
C ARG A 83 -0.34 -22.06 -16.79
N PHE A 84 -0.22 -21.44 -15.62
CA PHE A 84 0.59 -22.03 -14.57
C PHE A 84 0.15 -23.46 -14.26
N ILE A 85 -1.17 -23.71 -14.26
CA ILE A 85 -1.64 -25.06 -13.93
C ILE A 85 -1.25 -26.04 -15.04
N GLN A 86 -1.50 -25.66 -16.29
CA GLN A 86 -1.11 -26.53 -17.40
C GLN A 86 0.38 -26.82 -17.39
N LEU A 87 1.17 -25.83 -16.99
CA LEU A 87 2.60 -26.05 -16.88
C LEU A 87 2.93 -26.97 -15.70
N GLN A 88 2.19 -26.87 -14.60
CA GLN A 88 2.40 -27.79 -13.48
C GLN A 88 2.18 -29.24 -13.90
N LYS A 89 1.14 -29.52 -14.69
CA LYS A 89 0.82 -30.90 -15.05
C LYS A 89 1.93 -31.56 -15.87
N GLN A 90 2.94 -30.79 -16.31
CA GLN A 90 4.09 -31.31 -17.03
C GLN A 90 5.25 -31.67 -16.12
N GLY A 91 5.09 -31.51 -14.80
CA GLY A 91 6.03 -32.03 -13.84
C GLY A 91 7.18 -31.09 -13.47
N PRO A 92 8.00 -31.52 -12.51
CA PRO A 92 9.03 -30.61 -11.98
C PRO A 92 9.96 -30.04 -13.04
N GLN A 93 10.56 -30.91 -13.88
CA GLN A 93 11.55 -30.45 -14.85
C GLN A 93 10.97 -29.40 -15.79
N GLU A 94 9.77 -29.65 -16.34
CA GLU A 94 9.27 -28.68 -17.30
C GLU A 94 8.57 -27.50 -16.64
N LEU A 95 8.22 -27.61 -15.35
CA LEU A 95 7.78 -26.42 -14.61
C LEU A 95 8.90 -25.40 -14.56
N TRP A 96 10.08 -25.82 -14.12
CA TRP A 96 11.23 -24.93 -14.02
C TRP A 96 11.62 -24.34 -15.38
N ASP A 97 11.80 -25.18 -16.40
CA ASP A 97 12.45 -24.75 -17.64
C ASP A 97 11.59 -23.81 -18.46
N LYS A 98 10.27 -23.96 -18.45
CA LYS A 98 9.42 -23.23 -19.37
C LYS A 98 8.70 -22.05 -18.74
N PHE A 99 8.83 -21.88 -17.41
CA PHE A 99 8.28 -20.72 -16.73
C PHE A 99 8.87 -19.44 -17.32
N GLU A 100 8.01 -18.48 -17.64
CA GLU A 100 8.49 -17.12 -17.81
C GLU A 100 7.42 -16.17 -17.29
N ASN A 101 7.86 -15.05 -16.71
CA ASN A 101 6.96 -14.09 -16.07
C ASN A 101 7.44 -12.67 -16.31
N ASN A 102 6.65 -11.89 -17.03
CA ASN A 102 7.03 -10.56 -17.48
C ASN A 102 6.54 -9.44 -16.58
N THR A 103 5.74 -9.76 -15.56
CA THR A 103 5.06 -8.72 -14.80
C THR A 103 6.06 -7.77 -14.13
N THR A 104 5.84 -6.48 -14.34
CA THR A 104 6.63 -5.41 -13.73
C THR A 104 5.71 -4.51 -12.93
N HIS A 105 6.25 -3.91 -11.87
CA HIS A 105 5.62 -2.78 -11.22
C HIS A 105 6.62 -1.63 -11.23
N ASP A 106 6.12 -0.42 -11.41
CA ASP A 106 6.97 0.72 -11.72
C ASP A 106 7.28 1.56 -10.49
N LEU A 107 7.31 0.93 -9.31
CA LEU A 107 7.29 1.58 -8.00
C LEU A 107 8.47 1.16 -7.15
N PHE A 108 8.69 1.90 -6.06
CA PHE A 108 9.69 1.60 -5.05
C PHE A 108 9.18 0.52 -4.11
N THR A 109 10.09 -0.02 -3.32
CA THR A 109 9.76 -0.99 -2.29
C THR A 109 9.28 -0.27 -1.02
N ARG A 110 8.45 -0.96 -0.24
CA ARG A 110 8.07 -0.51 1.08
C ARG A 110 8.94 -1.21 2.13
N HIS A 111 9.30 -0.49 3.17
CA HIS A 111 10.11 -0.99 4.28
C HIS A 111 9.18 -1.41 5.40
N SER A 112 9.27 -2.67 5.81
CA SER A 112 8.30 -3.15 6.76
C SER A 112 8.70 -2.80 8.20
N ASP A 113 7.68 -2.81 9.08
CA ASP A 113 7.84 -2.65 10.52
C ASP A 113 8.30 -3.92 11.19
N VAL A 114 7.92 -5.07 10.64
CA VAL A 114 8.05 -6.32 11.37
C VAL A 114 9.52 -6.75 11.36
N LYS A 115 10.04 -7.06 12.54
CA LYS A 115 11.35 -7.67 12.71
C LYS A 115 11.24 -9.20 12.64
N THR A 116 12.34 -9.84 12.29
CA THR A 116 12.38 -11.29 12.12
C THR A 116 13.64 -11.82 12.79
N MSE A 117 13.53 -12.99 13.41
CA MSE A 117 14.69 -13.65 14.01
C MSE A 117 14.68 -15.12 13.64
O MSE A 117 13.64 -15.76 13.72
CB MSE A 117 14.67 -13.47 15.53
CG MSE A 117 15.97 -13.81 16.20
SE MSE A 117 16.01 -13.24 18.06
CE MSE A 117 14.98 -14.70 18.83
N ILE A 118 15.82 -15.68 13.26
CA ILE A 118 15.91 -17.10 12.90
C ILE A 118 16.77 -17.82 13.92
N ILE A 119 16.31 -18.99 14.35
CA ILE A 119 17.04 -19.81 15.29
C ILE A 119 17.31 -21.15 14.63
N TYR A 120 18.48 -21.75 14.90
CA TYR A 120 18.76 -23.13 14.52
C TYR A 120 19.34 -23.90 15.71
N ALA A 121 19.35 -25.23 15.58
CA ALA A 121 19.88 -26.12 16.60
C ALA A 121 20.49 -27.32 15.91
N ALA A 122 21.60 -27.82 16.44
CA ALA A 122 22.34 -28.85 15.69
C ALA A 122 21.73 -30.23 15.84
N THR A 123 21.10 -30.53 16.98
CA THR A 123 20.50 -31.84 17.21
C THR A 123 19.08 -31.69 17.74
N PRO A 124 18.27 -32.73 17.63
CA PRO A 124 16.90 -32.66 18.16
C PRO A 124 16.81 -32.24 19.61
N ILE A 125 17.77 -32.64 20.45
CA ILE A 125 17.77 -32.23 21.86
C ILE A 125 17.80 -30.70 21.96
N ASP A 126 18.69 -30.06 21.21
CA ASP A 126 18.78 -28.61 21.26
C ASP A 126 17.53 -27.98 20.66
N PHE A 127 16.95 -28.62 19.67
CA PHE A 127 15.82 -28.04 18.96
C PHE A 127 14.59 -27.95 19.86
N VAL A 128 14.23 -29.07 20.51
CA VAL A 128 13.10 -29.10 21.43
C VAL A 128 13.22 -27.99 22.46
N GLY A 129 14.37 -27.95 23.15
CA GLY A 129 14.63 -26.96 24.18
C GLY A 129 14.69 -25.53 23.69
N ALA A 130 14.99 -25.33 22.41
CA ALA A 130 14.96 -23.97 21.87
C ALA A 130 13.55 -23.52 21.54
N VAL A 131 12.75 -24.43 20.97
CA VAL A 131 11.38 -24.07 20.63
C VAL A 131 10.57 -23.81 21.89
N LYS A 132 10.83 -24.59 22.95
CA LYS A 132 10.11 -24.40 24.20
C LYS A 132 10.44 -23.05 24.82
N THR A 133 11.68 -22.61 24.69
CA THR A 133 12.06 -21.30 25.18
C THR A 133 11.39 -20.18 24.37
N CYS A 134 11.44 -20.31 23.04
CA CYS A 134 10.80 -19.33 22.18
C CYS A 134 9.31 -19.27 22.41
N ASN A 135 8.70 -20.44 22.58
CA ASN A 135 7.27 -20.50 22.85
C ASN A 135 6.93 -19.84 24.18
N LYS A 136 7.89 -19.79 25.10
CA LYS A 136 7.65 -19.16 26.39
C LYS A 136 7.56 -17.66 26.25
N TYR A 137 8.43 -17.08 25.42
CA TYR A 137 8.31 -15.66 25.07
C TYR A 137 7.09 -15.40 24.20
N ALA A 138 6.82 -16.29 23.24
CA ALA A 138 5.67 -16.15 22.38
C ALA A 138 4.36 -16.19 23.17
N LYS A 139 4.33 -16.98 24.26
CA LYS A 139 3.12 -17.03 25.07
C LYS A 139 2.98 -15.77 25.91
N ASP A 140 4.05 -15.30 26.53
CA ASP A 140 3.96 -14.14 27.39
C ASP A 140 3.70 -12.84 26.63
N ASN A 141 3.99 -12.80 25.33
CA ASN A 141 3.77 -11.60 24.51
C ASN A 141 2.99 -12.01 23.28
N PRO A 142 1.69 -12.31 23.42
CA PRO A 142 0.94 -12.90 22.29
C PRO A 142 0.56 -11.93 21.20
N LYS A 143 0.59 -10.62 21.46
CA LYS A 143 0.24 -9.64 20.44
C LYS A 143 1.42 -9.25 19.57
N GLU A 144 2.64 -9.57 19.98
CA GLU A 144 3.83 -9.03 19.36
C GLU A 144 4.70 -10.09 18.70
N ILE A 145 4.33 -11.37 18.81
CA ILE A 145 5.21 -12.47 18.41
C ILE A 145 4.43 -13.53 17.64
N VAL A 146 4.94 -13.91 16.47
CA VAL A 146 4.47 -15.07 15.73
C VAL A 146 5.60 -16.09 15.69
N LEU A 147 5.28 -17.36 15.95
CA LEU A 147 6.29 -18.39 16.09
C LEU A 147 5.96 -19.57 15.19
N ARG A 148 6.92 -19.96 14.35
CA ARG A 148 6.74 -20.98 13.34
C ARG A 148 8.01 -21.80 13.24
N VAL A 149 7.89 -23.01 12.72
CA VAL A 149 9.06 -23.85 12.49
C VAL A 149 9.20 -24.08 10.99
N CYS A 150 10.45 -24.26 10.56
CA CYS A 150 10.83 -24.39 9.15
C CYS A 150 11.56 -25.72 8.97
N SER A 151 11.29 -26.39 7.84
CA SER A 151 12.11 -27.50 7.36
C SER A 151 12.76 -27.08 6.07
N ILE A 152 14.10 -27.04 6.07
CA ILE A 152 14.85 -26.61 4.90
C ILE A 152 15.16 -27.83 4.04
N ILE A 153 14.64 -27.82 2.82
CA ILE A 153 14.82 -28.96 1.92
C ILE A 153 16.30 -29.05 1.55
N ASP A 154 16.95 -30.15 1.94
CA ASP A 154 18.38 -30.42 1.76
C ASP A 154 19.24 -29.43 2.52
N GLY A 155 18.75 -28.98 3.66
CA GLY A 155 19.50 -28.03 4.43
C GLY A 155 20.55 -28.71 5.27
N ASP A 156 21.46 -27.89 5.78
CA ASP A 156 22.46 -28.36 6.72
C ASP A 156 22.63 -27.26 7.76
N ASN A 157 23.49 -27.51 8.73
CA ASN A 157 23.85 -26.46 9.66
C ASN A 157 24.44 -25.29 8.89
N PRO A 158 23.87 -24.08 9.01
CA PRO A 158 24.56 -22.90 8.47
C PRO A 158 25.97 -22.74 9.03
N ILE A 159 26.14 -22.94 10.33
CA ILE A 159 27.45 -22.99 10.95
C ILE A 159 28.05 -24.39 10.73
N SER A 160 29.02 -24.51 9.83
CA SER A 160 29.48 -25.84 9.41
C SER A 160 30.19 -26.62 10.52
N ILE A 161 30.68 -25.95 11.58
CA ILE A 161 31.39 -26.69 12.65
C ILE A 161 30.46 -27.64 13.38
N TYR A 162 29.14 -27.46 13.25
CA TYR A 162 28.18 -28.32 13.93
C TYR A 162 27.98 -29.65 13.23
N ASN A 163 28.37 -29.75 11.96
CA ASN A 163 28.13 -30.95 11.17
C ASN A 163 28.61 -32.25 11.83
N PRO A 164 29.82 -32.35 12.37
CA PRO A 164 30.19 -33.61 13.04
C PRO A 164 29.30 -33.91 14.23
N ILE A 165 28.74 -32.90 14.86
CA ILE A 165 27.87 -33.11 16.02
C ILE A 165 26.54 -33.72 15.57
N SER A 166 25.98 -33.24 14.46
CA SER A 166 24.71 -33.77 14.01
C SER A 166 24.90 -35.16 13.43
N LYS A 167 25.88 -35.32 12.54
CA LYS A 167 26.14 -36.64 11.99
C LYS A 167 26.39 -37.65 13.09
N GLU A 168 27.16 -37.26 14.11
CA GLU A 168 27.41 -38.18 15.22
C GLU A 168 26.15 -38.46 16.03
N PHE A 169 25.34 -37.43 16.30
CA PHE A 169 24.08 -37.64 16.98
C PHE A 169 23.20 -38.63 16.20
N LYS A 170 23.07 -38.42 14.90
CA LYS A 170 22.28 -39.35 14.10
C LYS A 170 22.84 -40.78 14.17
N SER A 171 24.16 -40.93 14.15
CA SER A 171 24.77 -42.25 14.26
C SER A 171 24.27 -43.00 15.48
N LYS A 172 24.50 -42.43 16.68
CA LYS A 172 24.07 -43.06 17.92
C LYS A 172 22.56 -43.24 17.92
N PHE A 173 21.83 -42.21 17.49
CA PHE A 173 20.38 -42.28 17.37
C PHE A 173 19.94 -43.54 16.64
N SER A 174 20.54 -43.79 15.49
CA SER A 174 20.06 -44.86 14.60
C SER A 174 20.24 -46.23 15.23
N THR A 175 21.38 -46.48 15.85
CA THR A 175 21.59 -47.76 16.52
C THR A 175 20.67 -47.97 17.70
N LEU A 176 19.81 -47.01 18.05
CA LEU A 176 18.89 -47.14 19.18
C LEU A 176 17.46 -47.11 18.63
N SER A 177 16.88 -48.29 18.44
CA SER A 177 15.56 -48.40 17.82
C SER A 177 14.91 -49.74 18.16
N LYS B 13 18.89 -30.08 -9.79
CA LYS B 13 17.68 -30.86 -10.07
C LYS B 13 16.90 -31.14 -8.79
N ASN B 14 17.60 -31.21 -7.65
CA ASN B 14 16.87 -31.24 -6.38
C ASN B 14 16.05 -29.98 -6.21
N LEU B 15 16.59 -28.85 -6.67
CA LEU B 15 15.89 -27.58 -6.52
C LEU B 15 14.59 -27.56 -7.33
N LYS B 16 14.61 -28.11 -8.54
CA LYS B 16 13.42 -28.11 -9.37
C LYS B 16 12.28 -28.85 -8.69
N GLU B 17 12.60 -29.94 -7.98
CA GLU B 17 11.55 -30.78 -7.42
C GLU B 17 11.03 -30.22 -6.10
N ALA B 18 11.86 -29.49 -5.37
CA ALA B 18 11.39 -28.82 -4.16
C ALA B 18 10.50 -27.64 -4.51
N VAL B 19 10.88 -26.86 -5.53
CA VAL B 19 10.02 -25.80 -6.04
C VAL B 19 8.68 -26.36 -6.50
N TYR B 20 8.70 -27.50 -7.22
CA TYR B 20 7.46 -28.12 -7.68
C TYR B 20 6.60 -28.60 -6.51
N ASP B 21 7.24 -29.13 -5.47
CA ASP B 21 6.46 -29.59 -4.33
C ASP B 21 5.88 -28.42 -3.53
N ILE B 22 6.63 -27.31 -3.44
CA ILE B 22 6.11 -26.20 -2.65
C ILE B 22 4.89 -25.56 -3.30
N CYS B 23 4.82 -25.60 -4.63
CA CYS B 23 3.75 -24.99 -5.40
C CYS B 23 2.61 -25.96 -5.70
N CYS B 24 2.79 -27.24 -5.39
CA CYS B 24 1.88 -28.29 -5.85
C CYS B 24 0.42 -27.97 -5.54
N ASN B 25 0.18 -27.23 -4.47
CA ASN B 25 -1.18 -27.02 -3.98
C ASN B 25 -1.61 -25.56 -4.01
N GLY B 26 -0.96 -24.74 -4.84
CA GLY B 26 -1.38 -23.35 -4.99
C GLY B 26 -1.15 -22.47 -3.79
N LEU B 27 -0.21 -22.82 -2.91
CA LEU B 27 0.11 -22.01 -1.74
C LEU B 27 1.63 -21.83 -1.70
N SER B 28 2.07 -20.56 -1.69
CA SER B 28 3.48 -20.25 -1.44
C SER B 28 3.68 -19.43 -0.18
N ASN B 29 2.61 -18.91 0.41
CA ASN B 29 2.71 -18.08 1.61
C ASN B 29 3.24 -18.85 2.82
N ASN B 30 3.40 -20.17 2.74
CA ASN B 30 4.04 -20.97 3.78
C ASN B 30 5.45 -21.37 3.40
N ALA B 31 6.06 -20.66 2.45
CA ALA B 31 7.32 -21.05 1.85
C ALA B 31 8.32 -19.91 1.92
N ALA B 32 9.59 -20.26 1.77
CA ALA B 32 10.66 -19.26 1.76
C ALA B 32 11.83 -19.77 0.93
N ILE B 33 12.51 -18.81 0.29
CA ILE B 33 13.81 -18.99 -0.32
C ILE B 33 14.84 -18.48 0.70
N ILE B 34 15.80 -19.32 1.05
CA ILE B 34 16.89 -18.91 1.93
C ILE B 34 18.20 -19.04 1.16
N MSE B 35 19.05 -18.03 1.31
CA MSE B 35 20.40 -18.02 0.77
C MSE B 35 21.48 -17.65 1.80
O MSE B 35 21.27 -16.80 2.66
CB MSE B 35 20.46 -17.07 -0.39
CG MSE B 35 19.40 -17.34 -1.41
SE MSE B 35 19.41 -16.05 -2.84
CE MSE B 35 21.04 -16.58 -3.76
N TYR B 36 22.64 -18.32 1.71
CA TYR B 36 23.78 -18.08 2.57
C TYR B 36 24.99 -17.67 1.71
N PHE B 37 25.69 -16.61 2.12
CA PHE B 37 26.88 -16.23 1.35
C PHE B 37 28.02 -15.78 2.26
N THR B 38 29.23 -15.83 1.70
CA THR B 38 30.43 -15.40 2.39
C THR B 38 30.49 -13.87 2.51
N ARG B 39 31.41 -13.42 3.37
CA ARG B 39 31.66 -12.01 3.69
C ARG B 39 32.26 -11.20 2.52
N SER B 40 32.67 -11.84 1.43
CA SER B 40 33.35 -11.15 0.34
C SER B 40 32.59 -9.89 -0.09
N LYS B 41 33.33 -8.79 -0.26
CA LYS B 41 32.77 -7.57 -0.84
C LYS B 41 32.40 -7.76 -2.31
N LYS B 42 33.13 -8.61 -3.02
CA LYS B 42 32.70 -8.92 -4.37
C LYS B 42 31.39 -9.71 -4.36
N VAL B 43 31.08 -10.40 -3.26
CA VAL B 43 29.85 -11.17 -3.12
C VAL B 43 28.68 -10.28 -2.67
N ALA B 44 28.93 -9.31 -1.77
CA ALA B 44 27.88 -8.38 -1.39
C ALA B 44 27.41 -7.57 -2.59
N GLN B 45 28.29 -7.35 -3.56
CA GLN B 45 27.89 -6.64 -4.76
C GLN B 45 26.96 -7.48 -5.62
N ILE B 46 27.22 -8.79 -5.71
CA ILE B 46 26.32 -9.58 -6.55
C ILE B 46 24.97 -9.76 -5.86
N ILE B 47 24.95 -9.74 -4.53
CA ILE B 47 23.67 -9.84 -3.83
C ILE B 47 22.80 -8.65 -4.17
N LYS B 48 23.40 -7.47 -4.26
CA LYS B 48 22.62 -6.27 -4.48
C LYS B 48 22.01 -6.27 -5.87
N ILE B 49 22.77 -6.69 -6.88
CA ILE B 49 22.22 -6.86 -8.23
C ILE B 49 20.98 -7.75 -8.17
N MSE B 50 21.10 -8.90 -7.51
CA MSE B 50 20.01 -9.85 -7.30
C MSE B 50 18.79 -9.18 -6.66
O MSE B 50 17.66 -9.41 -7.09
CB MSE B 50 20.49 -11.00 -6.41
CG MSE B 50 19.60 -12.22 -6.44
SE MSE B 50 20.08 -13.50 -5.07
CE MSE B 50 19.58 -12.37 -3.55
N GLN B 51 19.01 -8.37 -5.62
CA GLN B 51 17.88 -7.70 -4.99
C GLN B 51 17.19 -6.74 -5.93
N LYS B 52 17.95 -6.09 -6.82
CA LYS B 52 17.35 -5.22 -7.81
C LYS B 52 16.45 -6.03 -8.73
N GLU B 53 16.95 -7.16 -9.21
CA GLU B 53 16.12 -8.04 -10.03
C GLU B 53 14.88 -8.47 -9.28
N LEU B 54 15.01 -8.83 -8.00
CA LEU B 54 13.89 -9.38 -7.27
C LEU B 54 12.80 -8.34 -7.05
N MSE B 55 13.20 -7.12 -6.71
CA MSE B 55 12.23 -6.15 -6.26
C MSE B 55 11.38 -5.54 -7.38
O MSE B 55 10.30 -5.02 -7.10
CB MSE B 55 12.95 -5.08 -5.45
CG MSE B 55 13.27 -5.61 -4.05
SE MSE B 55 11.72 -6.55 -3.18
CE MSE B 55 12.25 -6.20 -1.38
N ILE B 56 11.82 -5.64 -8.64
CA ILE B 56 10.97 -5.19 -9.74
C ILE B 56 9.78 -6.10 -10.00
N ARG B 57 9.70 -7.23 -9.32
CA ARG B 57 8.57 -8.14 -9.40
C ARG B 57 7.58 -7.85 -8.28
N PRO B 58 6.29 -7.99 -8.53
CA PRO B 58 5.30 -7.85 -7.46
C PRO B 58 5.25 -9.10 -6.59
N ASN B 59 4.64 -8.92 -5.42
CA ASN B 59 4.36 -10.00 -4.46
C ASN B 59 5.61 -10.62 -3.83
N ILE B 60 6.74 -9.93 -3.86
CA ILE B 60 8.01 -10.48 -3.40
C ILE B 60 8.49 -9.66 -2.20
N THR B 61 8.77 -10.37 -1.10
CA THR B 61 9.38 -9.79 0.08
C THR B 61 10.83 -10.24 0.14
N VAL B 62 11.76 -9.30 0.41
CA VAL B 62 13.18 -9.63 0.48
C VAL B 62 13.74 -9.01 1.75
N SER B 63 14.25 -9.86 2.64
CA SER B 63 14.85 -9.32 3.84
C SER B 63 16.20 -8.70 3.52
N GLU B 64 16.70 -7.93 4.47
CA GLU B 64 18.06 -7.44 4.40
C GLU B 64 19.03 -8.60 4.56
N ALA B 65 20.23 -8.44 4.05
CA ALA B 65 21.29 -9.37 4.40
C ALA B 65 21.54 -9.25 5.89
N PHE B 66 21.56 -10.37 6.60
CA PHE B 66 21.70 -10.33 8.05
C PHE B 66 22.73 -11.34 8.52
N LYS B 67 23.21 -11.14 9.74
CA LYS B 67 24.31 -11.90 10.33
C LYS B 67 23.79 -12.79 11.45
N MSE B 68 24.60 -13.74 11.87
CA MSE B 68 24.16 -14.67 12.93
C MSE B 68 25.27 -15.02 13.95
O MSE B 68 26.46 -14.96 13.63
CB MSE B 68 23.60 -15.96 12.30
CG MSE B 68 24.61 -16.87 11.60
SE MSE B 68 23.87 -18.19 10.40
CE MSE B 68 22.97 -19.52 11.52
N ASN B 69 24.84 -15.33 15.17
CA ASN B 69 25.72 -15.79 16.23
C ASN B 69 25.35 -17.20 16.68
N HIS B 70 26.24 -17.85 17.43
CA HIS B 70 26.02 -19.23 17.84
C HIS B 70 26.84 -19.59 19.07
N ALA B 71 26.43 -20.68 19.70
CA ALA B 71 27.00 -21.19 20.94
C ALA B 71 28.13 -22.18 20.65
N PRO B 72 28.82 -22.67 21.68
CA PRO B 72 29.77 -23.77 21.46
C PRO B 72 29.04 -25.03 21.09
N PRO B 73 29.69 -25.96 20.38
CA PRO B 73 29.06 -27.24 20.05
C PRO B 73 29.19 -28.21 21.22
N LYS B 74 28.29 -29.21 21.23
CA LYS B 74 28.35 -30.27 22.22
C LYS B 74 27.97 -31.61 21.61
N TYR B 75 28.79 -32.62 21.84
CA TYR B 75 28.45 -33.99 21.45
C TYR B 75 27.66 -34.62 22.59
N TYR B 76 26.47 -35.11 22.27
CA TYR B 76 25.66 -35.71 23.31
C TYR B 76 26.06 -37.15 23.56
N ASP B 77 25.96 -37.53 24.82
CA ASP B 77 26.44 -38.81 25.28
C ASP B 77 25.41 -39.87 24.93
N LYS B 78 25.87 -40.98 24.33
CA LYS B 78 25.01 -42.05 23.81
C LYS B 78 23.87 -42.37 24.79
N ASP B 79 24.14 -42.21 26.07
CA ASP B 79 23.14 -42.44 27.10
C ASP B 79 22.13 -41.29 27.20
N GLU B 80 22.59 -40.05 27.08
CA GLU B 80 21.65 -38.92 27.01
C GLU B 80 20.74 -39.04 25.79
N ILE B 81 21.28 -39.50 24.66
CA ILE B 81 20.48 -39.64 23.45
C ILE B 81 19.38 -40.67 23.65
N LYS B 82 19.71 -41.77 24.34
CA LYS B 82 18.68 -42.75 24.69
C LYS B 82 17.51 -42.10 25.43
N ARG B 83 17.78 -41.31 26.47
CA ARG B 83 16.68 -40.79 27.28
C ARG B 83 15.78 -39.85 26.49
N PHE B 84 16.36 -39.15 25.50
CA PHE B 84 15.56 -38.38 24.54
C PHE B 84 14.67 -39.29 23.67
N ILE B 85 15.16 -40.49 23.35
CA ILE B 85 14.40 -41.42 22.52
C ILE B 85 13.20 -41.98 23.29
N GLN B 86 13.39 -42.31 24.57
CA GLN B 86 12.28 -42.71 25.40
C GLN B 86 11.18 -41.67 25.44
N LEU B 87 11.51 -40.40 25.18
CA LEU B 87 10.47 -39.38 25.21
C LEU B 87 9.79 -39.26 23.86
N GLN B 88 10.57 -39.06 22.79
CA GLN B 88 10.08 -39.16 21.43
C GLN B 88 9.01 -40.24 21.28
N LYS B 89 9.35 -41.45 21.72
CA LYS B 89 8.44 -42.58 21.55
C LYS B 89 7.12 -42.42 22.30
N GLN B 90 7.06 -41.63 23.37
CA GLN B 90 5.76 -41.45 24.02
C GLN B 90 4.85 -40.46 23.28
N GLY B 91 5.36 -39.73 22.30
CA GLY B 91 4.51 -38.95 21.43
C GLY B 91 4.76 -37.46 21.47
N PRO B 92 4.07 -36.74 20.58
CA PRO B 92 4.23 -35.27 20.52
C PRO B 92 3.90 -34.55 21.81
N GLN B 93 2.84 -34.96 22.52
CA GLN B 93 2.48 -34.28 23.78
C GLN B 93 3.53 -34.52 24.84
N GLU B 94 3.87 -35.78 25.08
CA GLU B 94 4.71 -36.12 26.21
C GLU B 94 6.14 -35.66 25.96
N LEU B 95 6.61 -35.70 24.71
CA LEU B 95 7.93 -35.18 24.40
C LEU B 95 8.04 -33.74 24.87
N TRP B 96 6.99 -32.94 24.63
CA TRP B 96 7.05 -31.51 24.91
C TRP B 96 6.98 -31.22 26.41
N ASP B 97 6.04 -31.87 27.10
CA ASP B 97 5.84 -31.63 28.53
C ASP B 97 7.04 -32.09 29.35
N LYS B 98 7.65 -33.21 28.97
CA LYS B 98 8.61 -33.88 29.83
C LYS B 98 10.04 -33.48 29.55
N PHE B 99 10.30 -32.92 28.38
CA PHE B 99 11.67 -32.62 28.01
C PHE B 99 12.26 -31.54 28.93
N GLU B 100 13.48 -31.77 29.38
CA GLU B 100 14.24 -30.76 30.09
C GLU B 100 15.68 -30.92 29.67
N ASN B 101 16.37 -29.80 29.62
CA ASN B 101 17.80 -29.77 29.32
C ASN B 101 18.42 -28.66 30.15
N ASN B 102 19.39 -29.06 30.99
CA ASN B 102 20.12 -28.13 31.86
C ASN B 102 21.60 -28.06 31.50
N THR B 103 21.92 -28.22 30.21
CA THR B 103 23.29 -28.17 29.72
C THR B 103 23.73 -26.73 29.51
N THR B 104 24.89 -26.38 30.04
CA THR B 104 25.50 -25.07 29.84
C THR B 104 26.86 -25.25 29.18
N HIS B 105 27.56 -24.13 28.97
CA HIS B 105 28.93 -24.13 28.44
C HIS B 105 29.67 -22.94 29.02
N ASP B 106 31.00 -23.03 29.05
CA ASP B 106 31.79 -22.03 29.76
C ASP B 106 32.39 -20.98 28.83
N LEU B 107 31.87 -20.86 27.61
CA LEU B 107 32.53 -20.04 26.60
C LEU B 107 31.67 -18.84 26.23
N PHE B 108 32.12 -18.12 25.22
CA PHE B 108 31.43 -16.94 24.71
C PHE B 108 30.72 -17.24 23.40
N THR B 109 29.73 -16.42 23.10
CA THR B 109 29.06 -16.46 21.82
C THR B 109 30.04 -16.08 20.71
N ARG B 110 29.96 -16.81 19.61
CA ARG B 110 30.79 -16.56 18.44
C ARG B 110 29.95 -15.91 17.34
N HIS B 111 30.57 -15.00 16.61
CA HIS B 111 29.94 -14.28 15.50
C HIS B 111 30.35 -14.95 14.19
N SER B 112 29.36 -15.41 13.43
CA SER B 112 29.68 -15.98 12.12
C SER B 112 29.94 -14.87 11.11
N ASP B 113 30.68 -15.22 10.08
CA ASP B 113 30.81 -14.34 8.95
C ASP B 113 29.99 -14.81 7.76
N VAL B 114 29.16 -15.83 7.94
CA VAL B 114 28.20 -16.21 6.92
C VAL B 114 27.04 -15.22 7.00
N LYS B 115 26.72 -14.61 5.86
CA LYS B 115 25.54 -13.75 5.78
C LYS B 115 24.35 -14.58 5.34
N THR B 116 23.16 -14.05 5.56
CA THR B 116 21.96 -14.78 5.18
C THR B 116 20.94 -13.80 4.62
N MSE B 117 20.12 -14.31 3.71
CA MSE B 117 19.02 -13.54 3.17
C MSE B 117 17.79 -14.46 3.03
O MSE B 117 17.96 -15.64 2.75
CB MSE B 117 19.43 -12.92 1.85
CG MSE B 117 18.41 -12.01 1.23
SE MSE B 117 19.19 -10.94 -0.22
CE MSE B 117 19.81 -9.44 0.85
N ILE B 118 16.58 -13.95 3.28
CA ILE B 118 15.36 -14.72 3.08
C ILE B 118 14.47 -13.95 2.14
N ILE B 119 13.82 -14.68 1.23
CA ILE B 119 12.92 -14.14 0.22
C ILE B 119 11.59 -14.88 0.34
N TYR B 120 10.49 -14.13 0.22
CA TYR B 120 9.13 -14.64 0.25
C TYR B 120 8.41 -14.26 -1.03
N ALA B 121 7.31 -14.96 -1.33
CA ALA B 121 6.59 -14.69 -2.57
C ALA B 121 5.14 -15.12 -2.44
N ALA B 122 4.23 -14.20 -2.76
CA ALA B 122 2.84 -14.33 -2.29
C ALA B 122 2.10 -15.46 -3.00
N THR B 123 2.50 -15.82 -4.21
CA THR B 123 1.82 -16.88 -4.94
C THR B 123 2.83 -17.82 -5.59
N PRO B 124 2.46 -19.06 -5.80
CA PRO B 124 3.30 -19.96 -6.59
C PRO B 124 3.86 -19.33 -7.87
N ILE B 125 3.10 -18.49 -8.58
CA ILE B 125 3.64 -17.86 -9.79
C ILE B 125 4.83 -16.97 -9.44
N ASP B 126 4.71 -16.18 -8.36
CA ASP B 126 5.82 -15.33 -7.92
C ASP B 126 6.95 -16.12 -7.26
N PHE B 127 6.62 -17.22 -6.58
CA PHE B 127 7.63 -18.05 -5.96
C PHE B 127 8.56 -18.67 -7.01
N VAL B 128 8.00 -19.21 -8.10
CA VAL B 128 8.84 -19.86 -9.10
C VAL B 128 9.75 -18.84 -9.77
N GLY B 129 9.19 -17.69 -10.14
CA GLY B 129 10.03 -16.68 -10.75
C GLY B 129 11.12 -16.14 -9.85
N ALA B 130 10.89 -16.15 -8.53
CA ALA B 130 11.93 -15.69 -7.61
C ALA B 130 13.01 -16.75 -7.36
N VAL B 131 12.64 -18.03 -7.25
CA VAL B 131 13.67 -19.04 -7.15
C VAL B 131 14.54 -19.02 -8.40
N LYS B 132 13.92 -18.89 -9.58
CA LYS B 132 14.70 -18.89 -10.81
C LYS B 132 15.66 -17.71 -10.87
N THR B 133 15.25 -16.56 -10.33
CA THR B 133 16.13 -15.40 -10.24
C THR B 133 17.25 -15.65 -9.24
N CYS B 134 16.89 -16.06 -8.02
CA CYS B 134 17.92 -16.30 -7.02
C CYS B 134 18.90 -17.37 -7.49
N ASN B 135 18.41 -18.39 -8.18
CA ASN B 135 19.28 -19.51 -8.49
C ASN B 135 20.34 -19.17 -9.54
N LYS B 136 20.07 -18.21 -10.44
CA LYS B 136 21.12 -17.84 -11.38
C LYS B 136 22.38 -17.40 -10.63
N TYR B 137 22.22 -16.58 -9.57
CA TYR B 137 23.36 -16.07 -8.81
C TYR B 137 24.01 -17.13 -7.94
N ALA B 138 23.31 -18.21 -7.61
CA ALA B 138 23.89 -19.31 -6.86
C ALA B 138 24.77 -20.18 -7.75
N LYS B 139 24.26 -20.55 -8.94
CA LYS B 139 25.05 -21.39 -9.85
C LYS B 139 26.25 -20.64 -10.39
N ASP B 140 26.08 -19.34 -10.63
CA ASP B 140 27.18 -18.50 -11.06
C ASP B 140 28.26 -18.33 -10.00
N ASN B 141 28.03 -18.74 -8.76
CA ASN B 141 29.01 -18.50 -7.70
C ASN B 141 28.94 -19.61 -6.66
N PRO B 142 29.06 -20.87 -7.07
CA PRO B 142 28.64 -21.98 -6.20
C PRO B 142 29.47 -22.14 -4.92
N LYS B 143 30.62 -21.48 -4.82
CA LYS B 143 31.50 -21.54 -3.66
C LYS B 143 31.19 -20.47 -2.62
N GLU B 144 30.62 -19.33 -3.05
CA GLU B 144 30.33 -18.23 -2.16
C GLU B 144 28.86 -18.06 -1.84
N ILE B 145 27.94 -18.70 -2.57
CA ILE B 145 26.51 -18.59 -2.33
C ILE B 145 25.87 -19.97 -2.35
N VAL B 146 25.05 -20.25 -1.32
CA VAL B 146 24.30 -21.50 -1.21
C VAL B 146 22.82 -21.14 -1.12
N LEU B 147 22.00 -21.79 -1.87
CA LEU B 147 20.60 -21.44 -2.09
C LEU B 147 19.72 -22.57 -1.57
N ARG B 148 18.67 -22.28 -0.81
CA ARG B 148 17.74 -23.29 -0.29
C ARG B 148 16.29 -22.86 -0.44
N VAL B 149 15.43 -23.85 -0.34
CA VAL B 149 13.98 -23.69 -0.38
C VAL B 149 13.41 -24.23 0.92
N CYS B 150 12.49 -23.48 1.55
CA CYS B 150 11.98 -23.81 2.87
C CYS B 150 10.47 -23.87 2.90
N SER B 151 9.95 -24.74 3.77
CA SER B 151 8.53 -24.88 4.02
C SER B 151 8.26 -24.55 5.50
N ILE B 152 7.41 -23.55 5.75
CA ILE B 152 7.10 -23.08 7.11
C ILE B 152 5.73 -23.63 7.52
N ILE B 153 5.72 -24.40 8.60
CA ILE B 153 4.48 -25.06 9.05
C ILE B 153 3.52 -23.98 9.54
N ASP B 154 2.33 -23.94 8.93
CA ASP B 154 1.26 -22.99 9.25
C ASP B 154 1.70 -21.56 9.00
N GLY B 155 2.60 -21.38 8.04
CA GLY B 155 3.10 -20.07 7.75
C GLY B 155 2.06 -19.23 7.07
N ASP B 156 2.23 -17.92 7.17
CA ASP B 156 1.49 -17.02 6.29
C ASP B 156 2.45 -15.98 5.73
N ASN B 157 1.96 -15.22 4.75
CA ASN B 157 2.71 -14.11 4.20
C ASN B 157 3.25 -13.26 5.34
N PRO B 158 4.56 -13.09 5.45
CA PRO B 158 5.10 -12.23 6.53
C PRO B 158 4.55 -10.82 6.49
N ILE B 159 4.31 -10.29 5.30
CA ILE B 159 3.68 -9.00 5.07
C ILE B 159 2.19 -9.23 4.86
N SER B 160 1.36 -8.75 5.80
CA SER B 160 -0.06 -9.12 5.85
C SER B 160 -0.83 -8.68 4.62
N ILE B 161 -0.42 -7.57 3.99
CA ILE B 161 -1.10 -7.01 2.82
C ILE B 161 -1.23 -8.00 1.68
N TYR B 162 -0.46 -9.09 1.71
CA TYR B 162 -0.53 -10.06 0.63
C TYR B 162 -1.62 -11.11 0.83
N ASN B 163 -2.14 -11.24 2.05
CA ASN B 163 -3.10 -12.30 2.34
C ASN B 163 -4.27 -12.37 1.37
N PRO B 164 -4.93 -11.26 1.00
CA PRO B 164 -6.00 -11.37 0.00
C PRO B 164 -5.50 -11.88 -1.33
N ILE B 165 -4.27 -11.54 -1.70
CA ILE B 165 -3.75 -11.99 -2.99
C ILE B 165 -3.49 -13.48 -2.96
N SER B 166 -2.90 -13.99 -1.88
CA SER B 166 -2.75 -15.43 -1.74
C SER B 166 -4.09 -16.15 -1.67
N LYS B 167 -5.05 -15.61 -0.91
CA LYS B 167 -6.33 -16.30 -0.76
C LYS B 167 -7.11 -16.32 -2.07
N GLU B 168 -7.00 -15.26 -2.87
CA GLU B 168 -7.66 -15.24 -4.16
C GLU B 168 -7.06 -16.28 -5.09
N PHE B 169 -5.73 -16.29 -5.21
CA PHE B 169 -5.03 -17.24 -6.06
C PHE B 169 -5.45 -18.67 -5.70
N LYS B 170 -5.52 -18.98 -4.40
CA LYS B 170 -5.88 -20.33 -3.98
C LYS B 170 -7.31 -20.67 -4.37
N SER B 171 -8.25 -19.76 -4.12
CA SER B 171 -9.64 -19.91 -4.57
C SER B 171 -9.70 -20.27 -6.05
N LYS B 172 -9.06 -19.47 -6.89
CA LYS B 172 -9.13 -19.72 -8.33
C LYS B 172 -8.44 -21.02 -8.68
N PHE B 173 -7.30 -21.29 -8.03
CA PHE B 173 -6.52 -22.49 -8.33
C PHE B 173 -7.32 -23.75 -7.99
N SER B 174 -8.05 -23.75 -6.87
CA SER B 174 -8.85 -24.93 -6.55
C SER B 174 -10.03 -25.10 -7.49
N THR B 175 -10.58 -24.01 -8.02
CA THR B 175 -11.61 -24.10 -9.06
C THR B 175 -11.02 -24.65 -10.36
N LEU B 176 -9.78 -24.32 -10.68
CA LEU B 176 -9.22 -24.71 -11.96
C LEU B 176 -8.49 -26.05 -11.95
N SER B 177 -8.32 -26.67 -10.79
CA SER B 177 -7.62 -27.96 -10.74
C SER B 177 -8.49 -29.10 -11.29
N LYS C 13 -15.70 4.01 2.06
CA LYS C 13 -15.70 3.29 0.80
C LYS C 13 -16.77 3.81 -0.14
N ASN C 14 -17.31 4.99 0.21
CA ASN C 14 -17.88 5.85 -0.81
C ASN C 14 -16.83 6.24 -1.83
N LEU C 15 -15.55 6.15 -1.47
CA LEU C 15 -14.48 6.43 -2.42
C LEU C 15 -14.54 5.47 -3.61
N LYS C 16 -14.66 4.18 -3.32
CA LYS C 16 -14.62 3.20 -4.41
C LYS C 16 -15.79 3.41 -5.35
N GLU C 17 -16.99 3.61 -4.78
CA GLU C 17 -18.15 3.82 -5.64
C GLU C 17 -18.17 5.21 -6.28
N ALA C 18 -17.58 6.22 -5.64
CA ALA C 18 -17.50 7.51 -6.32
C ALA C 18 -16.53 7.45 -7.49
N VAL C 19 -15.38 6.78 -7.29
CA VAL C 19 -14.46 6.50 -8.40
C VAL C 19 -15.16 5.70 -9.48
N TYR C 20 -15.88 4.63 -9.10
CA TYR C 20 -16.57 3.81 -10.10
C TYR C 20 -17.62 4.61 -10.85
N ASP C 21 -18.27 5.56 -10.18
CA ASP C 21 -19.28 6.38 -10.83
C ASP C 21 -18.64 7.36 -11.81
N ILE C 22 -17.55 8.00 -11.38
CA ILE C 22 -16.83 8.91 -12.27
C ILE C 22 -16.46 8.23 -13.57
N CYS C 23 -16.08 6.96 -13.51
CA CYS C 23 -15.61 6.24 -14.67
C CYS C 23 -16.72 5.60 -15.49
N CYS C 24 -17.95 5.56 -14.97
CA CYS C 24 -19.03 4.83 -15.64
C CYS C 24 -19.20 5.27 -17.10
N ASN C 25 -19.11 6.57 -17.37
CA ASN C 25 -19.39 7.04 -18.72
C ASN C 25 -18.13 7.24 -19.57
N GLY C 26 -16.97 6.84 -19.08
CA GLY C 26 -15.78 6.94 -19.89
C GLY C 26 -15.18 8.32 -19.97
N LEU C 27 -15.56 9.21 -19.08
CA LEU C 27 -15.05 10.57 -19.04
C LEU C 27 -14.62 10.91 -17.62
N SER C 28 -13.46 11.55 -17.50
CA SER C 28 -12.90 12.01 -16.24
C SER C 28 -12.38 13.42 -16.33
N ASN C 29 -12.51 14.06 -17.50
CA ASN C 29 -12.02 15.41 -17.72
C ASN C 29 -12.69 16.41 -16.82
N ASN C 30 -13.78 16.04 -16.18
CA ASN C 30 -14.49 16.92 -15.26
C ASN C 30 -14.42 16.39 -13.83
N ALA C 31 -13.39 15.60 -13.53
CA ALA C 31 -13.23 15.01 -12.21
C ALA C 31 -11.96 15.54 -11.56
N ALA C 32 -11.84 15.31 -10.25
CA ALA C 32 -10.72 15.85 -9.52
C ALA C 32 -10.57 15.16 -8.17
N ILE C 33 -9.32 15.04 -7.72
CA ILE C 33 -8.99 14.57 -6.38
C ILE C 33 -8.54 15.78 -5.60
N ILE C 34 -9.18 16.02 -4.46
CA ILE C 34 -8.80 17.11 -3.57
C ILE C 34 -8.29 16.50 -2.27
N MSE C 35 -7.16 16.98 -1.79
CA MSE C 35 -6.59 16.53 -0.54
C MSE C 35 -6.23 17.73 0.29
O MSE C 35 -5.74 18.76 -0.21
CB MSE C 35 -5.38 15.64 -0.78
CG MSE C 35 -5.71 14.49 -1.69
SE MSE C 35 -4.12 13.52 -2.09
CE MSE C 35 -3.54 13.25 -0.28
N TYR C 36 -6.54 17.62 1.58
CA TYR C 36 -6.22 18.62 2.57
C TYR C 36 -5.25 18.00 3.58
N PHE C 37 -4.28 18.78 4.01
CA PHE C 37 -3.35 18.19 4.97
C PHE C 37 -2.80 19.27 5.88
N THR C 38 -2.37 18.81 7.06
CA THR C 38 -1.76 19.67 8.05
C THR C 38 -0.45 20.23 7.51
N ARG C 39 0.03 21.30 8.15
CA ARG C 39 1.19 22.03 7.64
C ARG C 39 2.50 21.59 8.27
N SER C 40 2.51 20.44 8.94
CA SER C 40 3.74 19.90 9.53
C SER C 40 4.73 19.53 8.42
N LYS C 41 5.88 20.20 8.38
CA LYS C 41 6.83 19.92 7.32
C LYS C 41 7.29 18.47 7.30
N LYS C 42 6.98 17.67 8.33
CA LYS C 42 6.97 16.23 8.12
C LYS C 42 6.05 15.88 6.95
N VAL C 43 4.77 16.20 7.10
CA VAL C 43 3.84 15.86 6.02
C VAL C 43 4.04 16.68 4.75
N ALA C 44 4.84 17.76 4.79
CA ALA C 44 5.15 18.48 3.56
C ALA C 44 6.08 17.69 2.65
N GLN C 45 6.95 16.85 3.22
CA GLN C 45 7.76 16.02 2.36
C GLN C 45 7.04 14.74 1.92
N ILE C 46 6.03 14.29 2.69
CA ILE C 46 5.12 13.27 2.17
C ILE C 46 4.46 13.76 0.88
N ILE C 47 3.92 14.98 0.91
CA ILE C 47 3.34 15.60 -0.29
C ILE C 47 4.32 15.50 -1.46
N LYS C 48 5.52 16.05 -1.29
CA LYS C 48 6.50 16.09 -2.38
C LYS C 48 6.75 14.70 -2.97
N ILE C 49 6.85 13.68 -2.11
CA ILE C 49 7.07 12.31 -2.56
C ILE C 49 5.88 11.82 -3.39
N MSE C 50 4.67 12.12 -2.93
CA MSE C 50 3.46 11.71 -3.62
C MSE C 50 3.25 12.34 -5.01
O MSE C 50 2.75 11.66 -5.91
CB MSE C 50 2.24 12.01 -2.74
CG MSE C 50 0.91 11.62 -3.36
SE MSE C 50 -0.68 12.26 -2.36
CE MSE C 50 -0.45 14.21 -2.35
N GLN C 51 3.61 13.63 -5.20
CA GLN C 51 3.45 14.24 -6.52
C GLN C 51 4.35 13.55 -7.53
N LYS C 52 5.59 13.26 -7.13
CA LYS C 52 6.50 12.50 -7.96
C LYS C 52 5.85 11.21 -8.41
N GLU C 53 5.56 10.33 -7.45
CA GLU C 53 4.97 9.04 -7.75
C GLU C 53 3.69 9.19 -8.55
N LEU C 54 2.92 10.24 -8.24
CA LEU C 54 1.71 10.55 -9.00
C LEU C 54 2.04 10.83 -10.46
N MSE C 55 3.09 11.59 -10.69
CA MSE C 55 3.35 12.08 -12.03
C MSE C 55 4.47 11.36 -12.74
O MSE C 55 5.05 11.91 -13.68
CB MSE C 55 3.64 13.55 -11.95
CG MSE C 55 2.44 14.33 -11.53
SE MSE C 55 2.66 15.99 -12.43
CE MSE C 55 3.24 17.21 -10.96
N ILE C 56 4.76 10.13 -12.32
CA ILE C 56 5.48 9.22 -13.20
C ILE C 56 4.55 8.63 -14.23
N ARG C 57 3.22 8.62 -13.97
CA ARG C 57 2.23 8.16 -14.94
C ARG C 57 1.85 9.28 -15.89
N PRO C 58 1.38 8.96 -17.08
CA PRO C 58 1.00 10.03 -18.04
C PRO C 58 -0.41 10.53 -17.77
N ASN C 59 -0.73 11.65 -18.44
CA ASN C 59 -2.07 12.26 -18.48
C ASN C 59 -2.48 12.88 -17.12
N ILE C 60 -1.55 13.10 -16.19
CA ILE C 60 -1.89 13.52 -14.83
C ILE C 60 -1.48 14.98 -14.61
N THR C 61 -2.42 15.78 -14.13
CA THR C 61 -2.18 17.15 -13.71
C THR C 61 -2.21 17.23 -12.18
N VAL C 62 -1.14 17.77 -11.58
CA VAL C 62 -1.06 17.97 -10.13
C VAL C 62 -0.75 19.44 -9.83
N SER C 63 -1.51 20.02 -8.92
CA SER C 63 -1.31 21.41 -8.52
C SER C 63 -0.20 21.51 -7.50
N GLU C 64 0.25 22.74 -7.27
CA GLU C 64 1.11 22.95 -6.13
C GLU C 64 0.25 22.90 -4.87
N ALA C 65 0.88 22.56 -3.74
CA ALA C 65 0.18 22.66 -2.47
C ALA C 65 -0.09 24.13 -2.15
N PHE C 66 -1.35 24.49 -1.91
CA PHE C 66 -1.69 25.90 -1.79
C PHE C 66 -2.42 26.18 -0.49
N LYS C 67 -2.46 27.47 -0.14
CA LYS C 67 -2.98 27.95 1.12
C LYS C 67 -4.35 28.61 0.96
N MSE C 68 -4.99 28.81 2.10
CA MSE C 68 -6.36 29.35 2.21
C MSE C 68 -6.59 30.50 3.17
O MSE C 68 -6.13 30.46 4.31
CB MSE C 68 -7.32 28.30 2.70
CG MSE C 68 -7.95 27.42 1.66
SE MSE C 68 -8.00 25.76 2.64
CE MSE C 68 -9.60 25.87 3.57
N ASN C 69 -7.39 31.46 2.74
CA ASN C 69 -7.84 32.56 3.59
C ASN C 69 -9.36 32.54 3.75
N HIS C 70 -9.84 32.91 4.94
CA HIS C 70 -11.28 32.85 5.16
C HIS C 70 -11.74 33.99 6.04
N ALA C 71 -13.04 34.17 6.03
CA ALA C 71 -13.72 35.30 6.63
C ALA C 71 -14.43 34.90 7.92
N PRO C 72 -14.81 35.87 8.75
CA PRO C 72 -15.49 35.54 10.00
C PRO C 72 -16.77 34.77 9.74
N PRO C 73 -17.13 33.84 10.61
CA PRO C 73 -18.38 33.09 10.43
C PRO C 73 -19.60 33.89 10.87
N LYS C 74 -20.77 33.47 10.36
CA LYS C 74 -22.01 34.17 10.71
C LYS C 74 -23.20 33.21 10.68
N TYR C 75 -24.02 33.28 11.73
CA TYR C 75 -25.25 32.50 11.80
C TYR C 75 -26.36 33.26 11.11
N TYR C 76 -27.13 32.54 10.31
CA TYR C 76 -28.33 33.11 9.71
C TYR C 76 -29.54 32.85 10.59
N ASP C 77 -30.52 33.74 10.52
CA ASP C 77 -31.74 33.62 11.31
C ASP C 77 -32.85 33.01 10.46
N LYS C 78 -33.95 32.65 11.14
CA LYS C 78 -35.05 31.99 10.46
C LYS C 78 -35.64 32.85 9.36
N ASP C 79 -35.73 34.16 9.59
CA ASP C 79 -36.33 35.03 8.59
C ASP C 79 -35.51 35.05 7.31
N GLU C 80 -34.19 35.13 7.40
CA GLU C 80 -33.43 35.20 6.16
C GLU C 80 -33.27 33.83 5.51
N ILE C 81 -33.24 32.73 6.28
CA ILE C 81 -33.26 31.41 5.67
C ILE C 81 -34.59 31.18 4.97
N LYS C 82 -35.69 31.53 5.62
CA LYS C 82 -36.99 31.32 4.99
C LYS C 82 -37.14 32.10 3.69
N ARG C 83 -36.68 33.37 3.68
CA ARG C 83 -36.66 34.15 2.44
C ARG C 83 -35.83 33.47 1.37
N PHE C 84 -34.66 32.94 1.74
CA PHE C 84 -33.90 32.16 0.78
C PHE C 84 -34.71 30.97 0.28
N ILE C 85 -35.43 30.28 1.20
CA ILE C 85 -36.31 29.18 0.83
C ILE C 85 -37.35 29.63 -0.18
N GLN C 86 -38.02 30.75 0.11
CA GLN C 86 -39.07 31.25 -0.77
C GLN C 86 -38.53 31.61 -2.14
N LEU C 87 -37.24 32.00 -2.21
CA LEU C 87 -36.66 32.33 -3.50
C LEU C 87 -36.28 31.06 -4.29
N GLN C 88 -35.80 30.03 -3.59
CA GLN C 88 -35.56 28.73 -4.22
C GLN C 88 -36.80 28.22 -4.94
N LYS C 89 -37.96 28.24 -4.28
CA LYS C 89 -39.17 27.69 -4.87
C LYS C 89 -39.49 28.32 -6.23
N GLN C 90 -38.98 29.51 -6.50
CA GLN C 90 -39.17 30.13 -7.80
C GLN C 90 -38.19 29.63 -8.86
N GLY C 91 -37.33 28.65 -8.55
CA GLY C 91 -36.57 27.95 -9.56
C GLY C 91 -35.25 28.60 -9.94
N PRO C 92 -34.41 27.86 -10.68
CA PRO C 92 -33.01 28.30 -10.89
C PRO C 92 -32.87 29.73 -11.38
N GLN C 93 -33.63 30.08 -12.40
CA GLN C 93 -33.49 31.38 -13.06
C GLN C 93 -33.82 32.53 -12.10
N GLU C 94 -34.90 32.41 -11.32
CA GLU C 94 -35.23 33.51 -10.41
C GLU C 94 -34.38 33.49 -9.14
N LEU C 95 -33.95 32.32 -8.65
CA LEU C 95 -33.00 32.32 -7.54
C LEU C 95 -31.77 33.14 -7.89
N TRP C 96 -31.27 33.00 -9.11
CA TRP C 96 -30.10 33.78 -9.52
C TRP C 96 -30.41 35.28 -9.53
N ASP C 97 -31.43 35.67 -10.31
CA ASP C 97 -31.67 37.10 -10.58
C ASP C 97 -32.07 37.84 -9.31
N LYS C 98 -32.92 37.22 -8.48
CA LYS C 98 -33.49 37.98 -7.37
C LYS C 98 -32.69 37.88 -6.09
N PHE C 99 -31.65 37.03 -6.06
CA PHE C 99 -30.78 36.96 -4.90
C PHE C 99 -30.12 38.31 -4.62
N GLU C 100 -30.44 38.86 -3.47
CA GLU C 100 -29.80 40.06 -2.95
C GLU C 100 -29.03 39.67 -1.71
N ASN C 101 -27.78 40.09 -1.62
CA ASN C 101 -27.21 40.11 -0.29
C ASN C 101 -26.18 41.21 -0.14
N ASN C 102 -26.19 41.75 1.07
CA ASN C 102 -25.62 43.01 1.48
C ASN C 102 -24.69 42.85 2.65
N THR C 103 -24.82 41.76 3.42
CA THR C 103 -24.18 41.67 4.72
C THR C 103 -22.67 41.69 4.57
N THR C 104 -22.03 42.50 5.40
CA THR C 104 -20.59 42.55 5.50
C THR C 104 -20.22 42.35 6.97
N HIS C 105 -19.47 41.29 7.26
CA HIS C 105 -18.62 41.27 8.45
C HIS C 105 -17.67 42.44 8.32
N ASP C 106 -17.49 43.20 9.38
CA ASP C 106 -16.58 44.33 9.27
C ASP C 106 -15.28 44.03 10.01
N LEU C 107 -14.88 42.76 9.96
CA LEU C 107 -13.81 42.25 10.80
C LEU C 107 -12.57 41.85 9.98
N PHE C 108 -12.05 40.64 10.18
CA PHE C 108 -10.72 40.35 9.68
C PHE C 108 -10.65 38.97 9.04
N THR C 109 -10.06 38.93 7.84
CA THR C 109 -9.56 37.71 7.25
C THR C 109 -8.68 36.96 8.24
N ARG C 110 -8.73 35.63 8.19
CA ARG C 110 -7.79 34.79 8.91
C ARG C 110 -7.13 33.83 7.93
N HIS C 111 -5.82 33.63 8.13
CA HIS C 111 -5.06 32.67 7.33
C HIS C 111 -5.24 31.27 7.91
N SER C 112 -5.35 30.29 7.04
CA SER C 112 -5.55 28.92 7.46
C SER C 112 -4.22 28.20 7.63
N ASP C 113 -4.26 27.11 8.37
CA ASP C 113 -3.12 26.24 8.56
C ASP C 113 -3.24 24.95 7.76
N VAL C 114 -4.30 24.79 6.95
CA VAL C 114 -4.52 23.59 6.16
C VAL C 114 -4.01 23.85 4.75
N LYS C 115 -3.27 22.90 4.19
CA LYS C 115 -2.82 23.01 2.82
C LYS C 115 -3.68 22.13 1.93
N THR C 116 -3.80 22.51 0.67
CA THR C 116 -4.67 21.81 -0.26
C THR C 116 -3.93 21.47 -1.55
N MSE C 117 -4.31 20.34 -2.14
CA MSE C 117 -3.81 19.90 -3.43
C MSE C 117 -4.97 19.39 -4.33
O MSE C 117 -5.86 18.67 -3.87
CB MSE C 117 -2.76 18.81 -3.23
CG MSE C 117 -2.02 18.38 -4.48
SE MSE C 117 -0.27 17.50 -4.09
CE MSE C 117 0.78 19.17 -3.92
N ILE C 118 -4.94 19.78 -5.61
CA ILE C 118 -5.89 19.31 -6.61
C ILE C 118 -5.15 18.39 -7.56
N ILE C 119 -5.81 17.32 -7.99
CA ILE C 119 -5.26 16.36 -8.94
C ILE C 119 -6.32 16.05 -9.99
N TYR C 120 -5.95 16.12 -11.27
CA TYR C 120 -6.82 15.79 -12.37
C TYR C 120 -6.22 14.64 -13.17
N ALA C 121 -7.06 13.95 -13.94
CA ALA C 121 -6.58 12.93 -14.85
C ALA C 121 -7.37 13.00 -16.14
N ALA C 122 -6.70 12.66 -17.26
CA ALA C 122 -7.33 12.89 -18.56
C ALA C 122 -8.30 11.79 -18.97
N THR C 123 -8.17 10.58 -18.44
CA THR C 123 -9.01 9.47 -18.83
C THR C 123 -9.37 8.67 -17.58
N PRO C 124 -10.47 7.93 -17.63
CA PRO C 124 -10.82 7.06 -16.50
C PRO C 124 -9.65 6.22 -15.97
N ILE C 125 -8.88 5.58 -16.87
CA ILE C 125 -7.79 4.72 -16.45
C ILE C 125 -6.79 5.48 -15.59
N ASP C 126 -6.37 6.64 -16.07
CA ASP C 126 -5.41 7.45 -15.31
C ASP C 126 -6.00 7.90 -13.99
N PHE C 127 -7.32 8.13 -13.97
CA PHE C 127 -7.97 8.62 -12.78
C PHE C 127 -7.95 7.61 -11.65
N VAL C 128 -8.24 6.34 -11.97
CA VAL C 128 -8.23 5.32 -10.93
C VAL C 128 -6.84 5.19 -10.31
N GLY C 129 -5.80 5.12 -11.16
CA GLY C 129 -4.45 5.03 -10.65
C GLY C 129 -4.10 6.16 -9.70
N ALA C 130 -4.42 7.40 -10.10
CA ALA C 130 -4.19 8.56 -9.24
C ALA C 130 -4.89 8.40 -7.89
N VAL C 131 -6.18 8.08 -7.92
CA VAL C 131 -6.94 7.95 -6.67
C VAL C 131 -6.34 6.87 -5.80
N LYS C 132 -6.05 5.71 -6.38
CA LYS C 132 -5.46 4.63 -5.60
C LYS C 132 -4.16 5.07 -4.95
N THR C 133 -3.33 5.84 -5.68
CA THR C 133 -2.08 6.36 -5.13
C THR C 133 -2.34 7.36 -4.01
N CYS C 134 -3.20 8.36 -4.26
CA CYS C 134 -3.48 9.34 -3.23
C CYS C 134 -4.05 8.67 -1.99
N ASN C 135 -4.86 7.63 -2.19
CA ASN C 135 -5.49 7.00 -1.04
C ASN C 135 -4.47 6.32 -0.14
N LYS C 136 -3.47 5.65 -0.71
CA LYS C 136 -2.56 4.94 0.17
C LYS C 136 -1.75 5.93 0.99
N TYR C 137 -1.52 7.12 0.45
CA TYR C 137 -0.91 8.19 1.23
C TYR C 137 -1.88 8.75 2.27
N ALA C 138 -3.17 8.76 1.98
CA ALA C 138 -4.14 9.19 2.99
C ALA C 138 -4.26 8.15 4.11
N LYS C 139 -4.24 6.86 3.76
CA LYS C 139 -4.42 5.80 4.75
C LYS C 139 -3.15 5.52 5.54
N ASP C 140 -1.99 5.96 5.06
CA ASP C 140 -0.76 5.89 5.84
C ASP C 140 -0.67 6.99 6.88
N ASN C 141 -1.31 8.12 6.65
CA ASN C 141 -1.28 9.27 7.56
C ASN C 141 -2.71 9.76 7.75
N PRO C 142 -3.55 8.96 8.43
CA PRO C 142 -4.98 9.30 8.50
C PRO C 142 -5.29 10.53 9.34
N LYS C 143 -4.39 10.98 10.22
CA LYS C 143 -4.72 12.11 11.07
C LYS C 143 -4.24 13.43 10.50
N GLU C 144 -3.36 13.42 9.49
CA GLU C 144 -2.92 14.64 8.86
C GLU C 144 -3.49 14.88 7.47
N ILE C 145 -4.02 13.87 6.80
CA ILE C 145 -4.35 13.96 5.38
C ILE C 145 -5.73 13.39 5.14
N VAL C 146 -6.56 14.16 4.42
CA VAL C 146 -7.92 13.78 4.06
C VAL C 146 -8.08 13.87 2.55
N LEU C 147 -8.79 12.91 1.98
CA LEU C 147 -8.91 12.80 0.54
C LEU C 147 -10.39 12.91 0.16
N ARG C 148 -10.66 13.57 -0.96
CA ARG C 148 -11.98 13.67 -1.53
C ARG C 148 -11.90 13.58 -3.04
N VAL C 149 -13.02 13.17 -3.62
CA VAL C 149 -13.22 13.15 -5.06
C VAL C 149 -14.35 14.12 -5.38
N CYS C 150 -14.24 14.81 -6.51
CA CYS C 150 -15.14 15.92 -6.83
C CYS C 150 -15.55 15.77 -8.28
N SER C 151 -16.69 16.34 -8.64
CA SER C 151 -17.19 16.30 -10.02
C SER C 151 -17.52 17.72 -10.45
N ILE C 152 -16.80 18.21 -11.46
CA ILE C 152 -16.87 19.60 -11.88
C ILE C 152 -17.93 19.74 -12.95
N ILE C 153 -18.99 20.49 -12.65
CA ILE C 153 -20.15 20.56 -13.53
C ILE C 153 -19.73 21.22 -14.84
N ASP C 154 -19.84 20.47 -15.94
CA ASP C 154 -19.47 20.94 -17.28
C ASP C 154 -17.98 21.24 -17.38
N GLY C 155 -17.14 20.57 -16.57
CA GLY C 155 -15.70 20.80 -16.64
C GLY C 155 -15.03 20.11 -17.83
N ASP C 156 -13.87 20.64 -18.19
CA ASP C 156 -12.98 20.06 -19.20
C ASP C 156 -11.60 19.92 -18.58
N ASN C 157 -10.70 19.25 -19.30
CA ASN C 157 -9.34 19.12 -18.79
C ASN C 157 -8.78 20.51 -18.51
N PRO C 158 -8.37 20.81 -17.27
CA PRO C 158 -7.70 22.09 -17.01
C PRO C 158 -6.56 22.34 -17.97
N ILE C 159 -5.76 21.33 -18.28
CA ILE C 159 -4.75 21.44 -19.33
C ILE C 159 -5.37 20.94 -20.62
N SER C 160 -5.67 21.86 -21.54
CA SER C 160 -6.46 21.48 -22.69
C SER C 160 -5.68 20.62 -23.69
N ILE C 161 -4.38 20.42 -23.51
CA ILE C 161 -3.66 19.52 -24.41
C ILE C 161 -4.09 18.06 -24.25
N TYR C 162 -4.80 17.72 -23.19
CA TYR C 162 -5.38 16.41 -23.01
C TYR C 162 -6.66 16.18 -23.80
N ASN C 163 -7.36 17.25 -24.20
CA ASN C 163 -8.70 17.13 -24.77
C ASN C 163 -8.86 16.06 -25.86
N PRO C 164 -7.98 15.97 -26.88
CA PRO C 164 -8.14 14.88 -27.86
C PRO C 164 -7.85 13.52 -27.25
N ILE C 165 -7.01 13.44 -26.22
CA ILE C 165 -6.81 12.18 -25.50
C ILE C 165 -8.10 11.73 -24.82
N SER C 166 -8.76 12.65 -24.11
CA SER C 166 -10.06 12.36 -23.48
C SER C 166 -11.11 12.01 -24.52
N LYS C 167 -11.24 12.86 -25.54
CA LYS C 167 -12.17 12.61 -26.64
C LYS C 167 -11.88 11.28 -27.34
N GLU C 168 -10.60 10.96 -27.61
CA GLU C 168 -10.29 9.69 -28.25
C GLU C 168 -10.59 8.50 -27.34
N PHE C 169 -10.46 8.66 -26.03
CA PHE C 169 -10.80 7.59 -25.12
C PHE C 169 -12.30 7.32 -25.13
N LYS C 170 -13.11 8.39 -25.03
CA LYS C 170 -14.56 8.23 -25.06
C LYS C 170 -15.01 7.64 -26.38
N SER C 171 -14.40 8.10 -27.47
CA SER C 171 -14.73 7.58 -28.79
C SER C 171 -14.60 6.07 -28.84
N LYS C 172 -13.42 5.56 -28.45
CA LYS C 172 -13.24 4.11 -28.37
C LYS C 172 -14.18 3.49 -27.34
N PHE C 173 -14.10 3.92 -26.07
CA PHE C 173 -14.96 3.45 -24.97
C PHE C 173 -16.39 3.10 -25.37
N SER C 174 -17.01 3.92 -26.23
CA SER C 174 -18.40 3.72 -26.61
C SER C 174 -18.58 2.74 -27.78
N THR C 175 -17.57 2.59 -28.63
CA THR C 175 -17.56 1.48 -29.57
C THR C 175 -17.50 0.15 -28.83
N LEU C 176 -16.66 0.08 -27.81
CA LEU C 176 -16.42 -1.14 -27.04
C LEU C 176 -17.52 -1.42 -26.02
N SER C 177 -18.68 -0.77 -26.14
CA SER C 177 -19.82 -1.10 -25.31
C SER C 177 -21.09 -1.23 -26.14
N LYS D 13 -26.89 29.81 -18.44
CA LYS D 13 -28.04 28.94 -18.17
C LYS D 13 -27.58 27.72 -17.40
N ASN D 14 -26.54 27.04 -17.88
CA ASN D 14 -26.00 25.89 -17.14
C ASN D 14 -25.67 26.28 -15.71
N LEU D 15 -24.92 27.37 -15.54
CA LEU D 15 -24.42 27.69 -14.22
C LEU D 15 -25.55 27.94 -13.24
N LYS D 16 -26.60 28.63 -13.67
CA LYS D 16 -27.73 28.92 -12.78
C LYS D 16 -28.37 27.64 -12.26
N GLU D 17 -28.65 26.69 -13.15
CA GLU D 17 -29.17 25.39 -12.72
C GLU D 17 -28.14 24.64 -11.88
N ALA D 18 -26.85 24.82 -12.18
CA ALA D 18 -25.81 24.18 -11.37
C ALA D 18 -25.87 24.67 -9.93
N VAL D 19 -26.00 25.99 -9.76
CA VAL D 19 -26.04 26.59 -8.43
C VAL D 19 -27.31 26.21 -7.70
N TYR D 20 -28.45 26.24 -8.41
CA TYR D 20 -29.71 25.82 -7.82
C TYR D 20 -29.62 24.39 -7.30
N ASP D 21 -29.02 23.49 -8.08
CA ASP D 21 -28.93 22.10 -7.67
C ASP D 21 -28.05 21.90 -6.43
N ILE D 22 -26.98 22.70 -6.32
CA ILE D 22 -26.08 22.60 -5.17
C ILE D 22 -26.76 23.07 -3.90
N CYS D 23 -27.76 23.97 -4.01
CA CYS D 23 -28.44 24.58 -2.88
C CYS D 23 -29.72 23.87 -2.46
N CYS D 24 -30.16 22.90 -3.25
CA CYS D 24 -31.47 22.29 -3.12
C CYS D 24 -31.71 21.71 -1.72
N ASN D 25 -30.69 21.09 -1.14
CA ASN D 25 -30.81 20.38 0.13
C ASN D 25 -30.39 21.23 1.33
N GLY D 26 -30.19 22.54 1.16
CA GLY D 26 -29.81 23.40 2.27
C GLY D 26 -28.39 23.20 2.76
N LEU D 27 -27.56 22.53 1.99
CA LEU D 27 -26.18 22.24 2.33
C LEU D 27 -25.29 22.66 1.17
N SER D 28 -24.25 23.45 1.47
CA SER D 28 -23.26 23.87 0.49
C SER D 28 -21.84 23.58 0.93
N ASN D 29 -21.65 23.02 2.12
CA ASN D 29 -20.31 22.73 2.64
C ASN D 29 -19.58 21.67 1.81
N ASN D 30 -20.24 21.02 0.85
CA ASN D 30 -19.61 20.08 -0.05
C ASN D 30 -19.51 20.65 -1.46
N ALA D 31 -19.56 21.96 -1.58
CA ALA D 31 -19.52 22.58 -2.89
C ALA D 31 -18.31 23.50 -2.93
N ALA D 32 -17.85 23.76 -4.14
CA ALA D 32 -16.80 24.74 -4.32
C ALA D 32 -17.00 25.40 -5.67
N ILE D 33 -16.43 26.58 -5.77
CA ILE D 33 -16.34 27.36 -6.99
C ILE D 33 -14.89 27.29 -7.44
N ILE D 34 -14.65 26.77 -8.64
CA ILE D 34 -13.32 26.71 -9.20
C ILE D 34 -13.24 27.69 -10.37
N MSE D 35 -12.14 28.42 -10.42
CA MSE D 35 -11.88 29.31 -11.53
C MSE D 35 -10.49 29.19 -12.12
O MSE D 35 -9.49 29.09 -11.41
CB MSE D 35 -12.09 30.74 -11.12
CG MSE D 35 -13.54 31.16 -11.14
SE MSE D 35 -13.55 32.76 -10.07
CE MSE D 35 -12.75 34.04 -11.54
N TYR D 36 -10.46 29.20 -13.43
CA TYR D 36 -9.22 29.11 -14.18
C TYR D 36 -9.05 30.43 -14.92
N PHE D 37 -7.89 31.04 -14.79
CA PHE D 37 -7.65 32.28 -15.51
C PHE D 37 -6.25 32.30 -16.10
N THR D 38 -6.09 33.09 -17.15
CA THR D 38 -4.84 33.14 -17.89
C THR D 38 -3.81 33.97 -17.13
N ARG D 39 -2.74 34.33 -17.84
CA ARG D 39 -1.50 34.74 -17.21
C ARG D 39 -1.32 36.25 -17.13
N SER D 40 -2.00 37.03 -18.00
CA SER D 40 -1.85 38.48 -18.01
C SER D 40 -1.77 39.07 -16.61
N LYS D 41 -0.95 40.10 -16.45
CA LYS D 41 -0.76 40.71 -15.15
C LYS D 41 -1.98 41.51 -14.70
N LYS D 42 -2.70 42.14 -15.62
CA LYS D 42 -3.92 42.79 -15.16
C LYS D 42 -5.13 41.87 -15.22
N VAL D 43 -4.93 40.60 -15.58
CA VAL D 43 -5.90 39.58 -15.21
C VAL D 43 -5.71 39.22 -13.76
N ALA D 44 -4.45 39.11 -13.32
CA ALA D 44 -4.16 38.93 -11.91
C ALA D 44 -4.72 40.08 -11.09
N GLN D 45 -4.63 41.31 -11.61
CA GLN D 45 -5.20 42.44 -10.89
C GLN D 45 -6.71 42.32 -10.82
N ILE D 46 -7.33 41.88 -11.92
CA ILE D 46 -8.75 41.56 -11.87
C ILE D 46 -9.03 40.48 -10.83
N ILE D 47 -8.09 39.59 -10.58
CA ILE D 47 -8.31 38.57 -9.57
C ILE D 47 -8.30 39.19 -8.17
N LYS D 48 -7.37 40.12 -7.93
CA LYS D 48 -7.18 40.68 -6.59
C LYS D 48 -8.40 41.44 -6.09
N ILE D 49 -8.99 42.28 -6.94
CA ILE D 49 -10.13 43.12 -6.55
C ILE D 49 -11.27 42.22 -6.06
N MSE D 50 -11.18 40.97 -6.44
CA MSE D 50 -12.31 40.08 -6.42
C MSE D 50 -12.21 39.18 -5.21
O MSE D 50 -13.23 38.85 -4.60
CB MSE D 50 -12.30 39.29 -7.71
CG MSE D 50 -13.40 38.32 -7.83
SE MSE D 50 -12.95 36.91 -9.10
CE MSE D 50 -13.87 35.64 -8.28
N GLN D 51 -10.99 38.80 -4.88
CA GLN D 51 -10.71 38.29 -3.55
C GLN D 51 -11.22 39.26 -2.50
N LYS D 52 -10.84 40.55 -2.62
CA LYS D 52 -11.33 41.57 -1.69
C LYS D 52 -12.87 41.57 -1.65
N GLU D 53 -13.52 41.55 -2.82
CA GLU D 53 -14.97 41.57 -2.84
C GLU D 53 -15.58 40.26 -2.31
N LEU D 54 -14.93 39.12 -2.54
CA LEU D 54 -15.41 37.90 -1.89
C LEU D 54 -15.20 37.95 -0.39
N MSE D 55 -14.10 38.54 0.05
CA MSE D 55 -13.71 38.46 1.45
C MSE D 55 -14.41 39.47 2.38
O MSE D 55 -14.26 39.37 3.60
CB MSE D 55 -12.20 38.62 1.57
CG MSE D 55 -11.41 37.42 1.09
SE MSE D 55 -11.77 35.71 2.00
CE MSE D 55 -10.10 34.95 1.43
N ILE D 56 -15.19 40.42 1.85
CA ILE D 56 -15.96 41.28 2.73
C ILE D 56 -17.26 40.63 3.17
N ARG D 57 -17.52 39.42 2.71
CA ARG D 57 -18.69 38.62 3.02
C ARG D 57 -18.35 37.64 4.12
N PRO D 58 -19.29 37.38 5.03
CA PRO D 58 -19.09 36.31 6.01
C PRO D 58 -18.94 34.96 5.33
N ASN D 59 -18.41 33.99 6.10
CA ASN D 59 -18.56 32.57 5.80
C ASN D 59 -17.85 32.12 4.50
N ILE D 60 -16.94 32.92 3.96
CA ILE D 60 -16.33 32.61 2.67
C ILE D 60 -14.87 32.21 2.85
N THR D 61 -14.48 31.17 2.13
CA THR D 61 -13.10 30.74 2.03
C THR D 61 -12.62 30.90 0.59
N VAL D 62 -11.45 31.52 0.42
CA VAL D 62 -10.81 31.71 -0.89
C VAL D 62 -9.36 31.22 -0.83
N SER D 63 -8.95 30.45 -1.83
CA SER D 63 -7.58 30.00 -1.87
C SER D 63 -6.70 31.13 -2.40
N GLU D 64 -5.39 30.97 -2.24
CA GLU D 64 -4.49 31.78 -3.02
C GLU D 64 -4.54 31.27 -4.45
N ALA D 65 -4.31 32.18 -5.40
CA ALA D 65 -4.03 31.75 -6.76
C ALA D 65 -2.87 30.77 -6.72
N PHE D 66 -3.02 29.65 -7.41
CA PHE D 66 -2.01 28.60 -7.36
C PHE D 66 -1.82 28.00 -8.74
N LYS D 67 -0.70 27.30 -8.90
CA LYS D 67 -0.25 26.83 -10.20
C LYS D 67 -0.27 25.30 -10.25
N MSE D 68 -0.04 24.77 -11.45
CA MSE D 68 -0.06 23.31 -11.64
C MSE D 68 0.95 22.80 -12.69
O MSE D 68 1.38 23.54 -13.55
CB MSE D 68 -1.48 22.87 -12.01
CG MSE D 68 -1.97 23.45 -13.29
SE MSE D 68 -3.84 23.00 -13.68
CE MSE D 68 -4.37 24.64 -14.59
N ASN D 69 1.30 21.51 -12.58
CA ASN D 69 2.14 20.80 -13.54
C ASN D 69 1.40 19.57 -14.05
N HIS D 70 1.72 19.17 -15.26
CA HIS D 70 1.05 18.03 -15.88
C HIS D 70 2.07 17.14 -16.58
N ALA D 71 1.81 15.83 -16.53
CA ALA D 71 2.67 14.83 -17.15
C ALA D 71 2.44 14.81 -18.64
N PRO D 72 3.31 14.16 -19.40
CA PRO D 72 3.09 14.02 -20.85
C PRO D 72 1.79 13.31 -21.12
N PRO D 73 1.18 13.52 -22.29
CA PRO D 73 -0.04 12.80 -22.65
C PRO D 73 0.24 11.37 -23.11
N LYS D 74 -0.84 10.62 -23.29
CA LYS D 74 -0.80 9.27 -23.82
C LYS D 74 -2.17 8.89 -24.40
N TYR D 75 -2.19 8.35 -25.62
CA TYR D 75 -3.38 7.73 -26.16
C TYR D 75 -3.42 6.26 -25.79
N TYR D 76 -4.61 5.77 -25.45
CA TYR D 76 -4.79 4.37 -25.10
C TYR D 76 -5.29 3.57 -26.29
N ASP D 77 -4.73 2.36 -26.44
CA ASP D 77 -5.09 1.49 -27.56
C ASP D 77 -6.39 0.71 -27.26
N LYS D 78 -6.96 0.10 -28.32
CA LYS D 78 -8.22 -0.64 -28.18
C LYS D 78 -8.16 -1.70 -27.08
N ASP D 79 -7.00 -2.31 -26.87
CA ASP D 79 -6.91 -3.47 -25.97
C ASP D 79 -6.89 -3.04 -24.51
N GLU D 80 -6.13 -2.00 -24.16
CA GLU D 80 -6.15 -1.49 -22.79
C GLU D 80 -7.54 -0.99 -22.38
N ILE D 81 -8.25 -0.35 -23.31
CA ILE D 81 -9.60 0.14 -23.00
C ILE D 81 -10.55 -1.01 -22.76
N LYS D 82 -10.49 -2.02 -23.63
CA LYS D 82 -11.27 -3.24 -23.46
C LYS D 82 -11.02 -3.91 -22.10
N ARG D 83 -9.76 -3.93 -21.64
CA ARG D 83 -9.48 -4.61 -20.38
C ARG D 83 -9.99 -3.79 -19.20
N PHE D 84 -9.93 -2.46 -19.31
CA PHE D 84 -10.50 -1.61 -18.29
C PHE D 84 -12.02 -1.75 -18.24
N ILE D 85 -12.67 -1.93 -19.40
CA ILE D 85 -14.13 -2.11 -19.44
C ILE D 85 -14.55 -3.42 -18.78
N GLN D 86 -13.89 -4.53 -19.15
CA GLN D 86 -14.18 -5.80 -18.48
C GLN D 86 -13.95 -5.69 -16.98
N LEU D 87 -12.95 -4.91 -16.56
CA LEU D 87 -12.73 -4.69 -15.14
C LEU D 87 -13.92 -3.97 -14.51
N GLN D 88 -14.33 -2.84 -15.09
CA GLN D 88 -15.37 -2.02 -14.46
C GLN D 88 -16.77 -2.63 -14.62
N LYS D 89 -17.02 -3.41 -15.69
CA LYS D 89 -18.25 -4.21 -15.79
C LYS D 89 -18.49 -5.07 -14.55
N GLN D 90 -17.45 -5.39 -13.79
CA GLN D 90 -17.56 -6.21 -12.58
C GLN D 90 -17.75 -5.39 -11.32
N GLY D 91 -17.74 -4.06 -11.38
CA GLY D 91 -18.18 -3.25 -10.28
C GLY D 91 -17.11 -2.58 -9.44
N PRO D 92 -17.56 -1.78 -8.47
CA PRO D 92 -16.63 -0.88 -7.78
C PRO D 92 -15.50 -1.58 -7.03
N GLN D 93 -15.77 -2.75 -6.45
CA GLN D 93 -14.73 -3.39 -5.66
C GLN D 93 -13.67 -4.05 -6.55
N GLU D 94 -14.10 -4.79 -7.59
CA GLU D 94 -13.14 -5.34 -8.55
C GLU D 94 -12.36 -4.25 -9.28
N LEU D 95 -13.04 -3.16 -9.64
CA LEU D 95 -12.34 -2.06 -10.31
C LEU D 95 -11.19 -1.55 -9.45
N TRP D 96 -11.43 -1.38 -8.15
CA TRP D 96 -10.40 -0.90 -7.24
C TRP D 96 -9.27 -1.92 -7.09
N ASP D 97 -9.62 -3.16 -6.78
CA ASP D 97 -8.63 -4.15 -6.36
C ASP D 97 -7.77 -4.62 -7.52
N LYS D 98 -8.37 -4.92 -8.64
CA LYS D 98 -7.66 -5.56 -9.73
C LYS D 98 -7.04 -4.54 -10.67
N PHE D 99 -7.24 -3.24 -10.41
CA PHE D 99 -6.72 -2.22 -11.30
C PHE D 99 -5.20 -2.22 -11.34
N GLU D 100 -4.66 -1.96 -12.52
CA GLU D 100 -3.22 -2.06 -12.75
C GLU D 100 -2.81 -1.00 -13.76
N ASN D 101 -1.65 -0.39 -13.53
CA ASN D 101 -1.19 0.73 -14.35
C ASN D 101 0.28 0.48 -14.72
N ASN D 102 0.52 -0.01 -15.95
CA ASN D 102 1.82 -0.56 -16.34
C ASN D 102 2.66 0.40 -17.18
N THR D 103 2.23 1.64 -17.34
CA THR D 103 2.84 2.56 -18.28
C THR D 103 3.45 3.75 -17.52
N THR D 104 4.67 4.10 -17.87
CA THR D 104 5.39 5.18 -17.21
C THR D 104 5.97 6.09 -18.28
N HIS D 105 5.78 7.41 -18.16
CA HIS D 105 6.06 8.29 -19.32
C HIS D 105 7.54 8.56 -19.55
N ASP D 106 8.34 8.70 -18.49
CA ASP D 106 9.80 8.93 -18.61
C ASP D 106 10.15 10.03 -19.62
N LEU D 107 9.36 11.10 -19.63
CA LEU D 107 9.71 12.34 -20.33
C LEU D 107 9.84 13.45 -19.29
N PHE D 108 9.33 14.65 -19.57
CA PHE D 108 9.47 15.81 -18.71
C PHE D 108 8.08 16.24 -18.25
N THR D 109 7.92 16.54 -16.96
CA THR D 109 6.69 17.22 -16.55
C THR D 109 6.75 18.67 -16.99
N ARG D 110 5.58 19.32 -16.99
CA ARG D 110 5.46 20.62 -17.64
C ARG D 110 4.63 21.56 -16.78
N HIS D 111 5.09 22.81 -16.68
CA HIS D 111 4.45 23.84 -15.87
C HIS D 111 3.41 24.60 -16.68
N SER D 112 2.16 24.56 -16.25
CA SER D 112 1.14 25.34 -16.93
C SER D 112 1.32 26.83 -16.61
N ASP D 113 0.84 27.69 -17.49
CA ASP D 113 0.75 29.11 -17.16
C ASP D 113 -0.70 29.56 -16.96
N VAL D 114 -1.59 28.60 -16.68
CA VAL D 114 -2.96 28.88 -16.27
C VAL D 114 -3.02 28.83 -14.74
N LYS D 115 -3.61 29.86 -14.13
CA LYS D 115 -3.75 29.91 -12.68
C LYS D 115 -5.13 29.44 -12.29
N THR D 116 -5.22 28.89 -11.08
CA THR D 116 -6.47 28.37 -10.53
C THR D 116 -6.75 29.04 -9.20
N MSE D 117 -8.04 29.11 -8.86
CA MSE D 117 -8.47 29.52 -7.53
C MSE D 117 -9.71 28.74 -7.09
O MSE D 117 -10.60 28.55 -7.89
CB MSE D 117 -8.76 31.02 -7.52
CG MSE D 117 -8.92 31.64 -6.14
SE MSE D 117 -9.12 33.60 -6.34
CE MSE D 117 -7.20 34.00 -6.37
N ILE D 118 -9.76 28.29 -5.84
CA ILE D 118 -10.95 27.63 -5.30
C ILE D 118 -11.60 28.51 -4.24
N ILE D 119 -12.93 28.65 -4.31
CA ILE D 119 -13.73 29.39 -3.34
C ILE D 119 -14.75 28.43 -2.73
N TYR D 120 -14.96 28.55 -1.42
CA TYR D 120 -15.96 27.79 -0.68
C TYR D 120 -16.95 28.71 0.03
N ALA D 121 -18.08 28.14 0.43
CA ALA D 121 -19.12 28.92 1.09
C ALA D 121 -19.85 28.05 2.10
N ALA D 122 -19.77 28.43 3.38
CA ALA D 122 -20.32 27.61 4.46
C ALA D 122 -21.83 27.37 4.34
N THR D 123 -22.55 28.24 3.64
CA THR D 123 -24.01 28.22 3.58
C THR D 123 -24.49 28.45 2.15
N PRO D 124 -25.62 27.84 1.77
CA PRO D 124 -26.21 28.17 0.45
C PRO D 124 -26.42 29.65 0.19
N ILE D 125 -26.87 30.45 1.17
CA ILE D 125 -26.94 31.89 0.95
C ILE D 125 -25.56 32.43 0.55
N ASP D 126 -24.53 32.08 1.31
CA ASP D 126 -23.18 32.56 1.00
C ASP D 126 -22.73 32.11 -0.36
N PHE D 127 -23.10 30.88 -0.72
CA PHE D 127 -22.67 30.27 -1.97
C PHE D 127 -23.22 31.00 -3.17
N VAL D 128 -24.52 31.33 -3.15
CA VAL D 128 -25.12 31.97 -4.31
C VAL D 128 -24.48 33.34 -4.53
N GLY D 129 -24.45 34.14 -3.47
CA GLY D 129 -23.73 35.39 -3.56
C GLY D 129 -22.30 35.24 -4.03
N ALA D 130 -21.59 34.25 -3.50
CA ALA D 130 -20.21 34.03 -3.95
C ALA D 130 -20.14 33.76 -5.45
N VAL D 131 -20.93 32.80 -5.95
CA VAL D 131 -20.88 32.47 -7.38
C VAL D 131 -21.26 33.69 -8.23
N LYS D 132 -22.23 34.47 -7.76
CA LYS D 132 -22.67 35.64 -8.53
C LYS D 132 -21.60 36.71 -8.55
N THR D 133 -20.90 36.93 -7.42
CA THR D 133 -19.74 37.82 -7.43
C THR D 133 -18.74 37.37 -8.49
N CYS D 134 -18.32 36.10 -8.43
CA CYS D 134 -17.30 35.62 -9.35
C CYS D 134 -17.78 35.71 -10.79
N ASN D 135 -19.08 35.43 -11.03
CA ASN D 135 -19.53 35.37 -12.41
C ASN D 135 -19.58 36.76 -13.07
N LYS D 136 -19.66 37.84 -12.29
CA LYS D 136 -19.47 39.17 -12.86
C LYS D 136 -18.14 39.27 -13.61
N TYR D 137 -17.08 38.74 -13.01
CA TYR D 137 -15.73 38.86 -13.57
C TYR D 137 -15.50 37.90 -14.72
N ALA D 138 -15.93 36.65 -14.57
CA ALA D 138 -15.82 35.70 -15.67
C ALA D 138 -16.51 36.24 -16.92
N LYS D 139 -17.73 36.79 -16.76
CA LYS D 139 -18.44 37.25 -17.95
C LYS D 139 -17.81 38.50 -18.54
N ASP D 140 -17.06 39.27 -17.75
CA ASP D 140 -16.41 40.48 -18.25
C ASP D 140 -15.12 40.18 -19.00
N ASN D 141 -14.48 39.05 -18.72
CA ASN D 141 -13.21 38.69 -19.31
C ASN D 141 -13.31 37.25 -19.81
N PRO D 142 -14.29 36.97 -20.68
CA PRO D 142 -14.60 35.55 -21.00
C PRO D 142 -13.44 34.80 -21.61
N LYS D 143 -12.54 35.48 -22.32
CA LYS D 143 -11.41 34.81 -22.95
C LYS D 143 -10.31 34.49 -21.96
N GLU D 144 -10.25 35.21 -20.83
CA GLU D 144 -9.17 35.06 -19.87
C GLU D 144 -9.56 34.33 -18.60
N ILE D 145 -10.85 34.20 -18.31
CA ILE D 145 -11.32 33.72 -17.01
C ILE D 145 -12.50 32.78 -17.23
N VAL D 146 -12.35 31.53 -16.79
CA VAL D 146 -13.39 30.51 -16.88
C VAL D 146 -13.86 30.15 -15.47
N LEU D 147 -15.18 29.99 -15.31
CA LEU D 147 -15.78 29.63 -14.03
C LEU D 147 -16.45 28.28 -14.12
N ARG D 148 -16.36 27.50 -13.04
CA ARG D 148 -17.03 26.21 -12.91
C ARG D 148 -17.37 25.97 -11.42
N VAL D 149 -18.46 25.25 -11.16
CA VAL D 149 -18.77 24.80 -9.80
C VAL D 149 -18.64 23.28 -9.74
N CYS D 150 -18.41 22.77 -8.53
CA CYS D 150 -18.25 21.32 -8.35
C CYS D 150 -18.89 20.90 -7.04
N SER D 151 -19.21 19.62 -6.94
CA SER D 151 -19.73 19.03 -5.71
C SER D 151 -18.76 17.95 -5.25
N ILE D 152 -18.38 18.00 -3.98
CA ILE D 152 -17.33 17.17 -3.44
C ILE D 152 -17.96 16.02 -2.67
N ILE D 153 -17.70 14.78 -3.11
CA ILE D 153 -18.35 13.62 -2.50
C ILE D 153 -17.87 13.46 -1.07
N ASP D 154 -18.81 13.48 -0.12
CA ASP D 154 -18.55 13.41 1.33
C ASP D 154 -17.90 14.69 1.84
N GLY D 155 -17.91 15.77 1.05
CA GLY D 155 -17.10 16.94 1.37
C GLY D 155 -17.71 17.75 2.50
N ASP D 156 -16.84 18.26 3.36
CA ASP D 156 -17.20 19.16 4.45
C ASP D 156 -16.53 20.53 4.23
N ASN D 157 -16.81 21.45 5.17
CA ASN D 157 -16.15 22.75 5.23
C ASN D 157 -14.65 22.56 5.39
N PRO D 158 -13.83 23.08 4.48
CA PRO D 158 -12.38 22.95 4.65
C PRO D 158 -11.88 23.59 5.92
N ILE D 159 -12.57 24.60 6.44
CA ILE D 159 -12.21 25.22 7.72
C ILE D 159 -13.29 24.83 8.73
N SER D 160 -12.94 23.94 9.66
CA SER D 160 -13.91 23.33 10.58
C SER D 160 -14.76 24.37 11.31
N ILE D 161 -14.20 25.57 11.56
CA ILE D 161 -14.87 26.59 12.35
C ILE D 161 -16.26 26.89 11.83
N TYR D 162 -16.51 26.59 10.56
CA TYR D 162 -17.77 26.83 9.88
C TYR D 162 -18.81 25.73 10.14
N ASN D 163 -18.41 24.58 10.67
CA ASN D 163 -19.33 23.45 10.78
C ASN D 163 -20.59 23.79 11.56
N PRO D 164 -20.53 24.34 12.79
CA PRO D 164 -21.80 24.72 13.46
C PRO D 164 -22.70 25.60 12.62
N ILE D 165 -22.12 26.52 11.85
CA ILE D 165 -22.90 27.43 11.01
C ILE D 165 -23.60 26.65 9.90
N SER D 166 -22.88 25.71 9.29
CA SER D 166 -23.47 24.83 8.30
C SER D 166 -24.60 23.98 8.90
N LYS D 167 -24.37 23.36 10.06
CA LYS D 167 -25.35 22.47 10.66
C LYS D 167 -26.56 23.23 11.17
N GLU D 168 -26.34 24.40 11.76
CA GLU D 168 -27.48 25.20 12.21
C GLU D 168 -28.34 25.65 11.04
N PHE D 169 -27.69 26.02 9.92
CA PHE D 169 -28.46 26.41 8.73
C PHE D 169 -29.33 25.26 8.25
N LYS D 170 -28.72 24.08 8.09
CA LYS D 170 -29.46 22.91 7.62
C LYS D 170 -30.61 22.57 8.56
N SER D 171 -30.36 22.64 9.87
CA SER D 171 -31.39 22.29 10.85
C SER D 171 -32.60 23.23 10.74
N LYS D 172 -32.34 24.54 10.74
CA LYS D 172 -33.42 25.50 10.52
C LYS D 172 -34.00 25.36 9.12
N PHE D 173 -33.16 25.10 8.11
CA PHE D 173 -33.62 24.97 6.73
C PHE D 173 -34.68 23.87 6.59
N SER D 174 -34.48 22.73 7.25
CA SER D 174 -35.43 21.61 7.15
C SER D 174 -36.70 21.91 7.90
N THR D 175 -36.60 22.60 9.03
CA THR D 175 -37.78 22.97 9.79
C THR D 175 -38.64 23.93 9.00
N LEU D 176 -38.02 24.98 8.45
CA LEU D 176 -38.70 25.94 7.59
C LEU D 176 -39.24 25.29 6.31
N SER D 177 -38.97 24.01 6.10
CA SER D 177 -39.43 23.41 4.87
C SER D 177 -40.69 22.59 5.07
#